data_4ODI
#
_entry.id   4ODI
#
_cell.length_a   97.182
_cell.length_b   149.474
_cell.length_c   72.120
_cell.angle_alpha   90.00
_cell.angle_beta   90.00
_cell.angle_gamma   90.00
#
_symmetry.space_group_name_H-M   'P 21 21 2'
#
loop_
_entity.id
_entity.type
_entity.pdbx_description
1 polymer 'Phosphoglycerate mutase PGMII'
2 non-polymer 'SODIUM ION'
3 water water
#
_entity_poly.entity_id   1
_entity_poly.type   'polypeptide(L)'
_entity_poly.pdbx_seq_one_letter_code
;MFPASTFRRFFGNMAKAKYTLVLIRHGESTWNKENRFTGWTDVPLSPVGEQEAVEAAKALKEKGFEFDVAYTSVLQRAVV
TCWTVLKGTDMCHIPVKSSWRLNERHYGALQGLNKAETAAKHGDEQVKIWRRSYDIPPPPLEKSDKRWPGNDAVYKMVPN
EALPLTECLKDTVERVLPFWFDHIAPSIMEGKRVLVAAHGNSLRGLVKHLDKMSDEAVLELNIPTGVPLVYELDEDLQPV
RHYYLLDEAELKAKMEAVANQGKAKGENLYFQSAGHHHHHH
;
_entity_poly.pdbx_strand_id   A,B,C,D
#
loop_
_chem_comp.id
_chem_comp.type
_chem_comp.name
_chem_comp.formula
NA non-polymer 'SODIUM ION' 'Na 1'
#
# COMPACT_ATOMS: atom_id res chain seq x y z
N GLY A 12 -35.37 -4.61 -18.22
CA GLY A 12 -34.05 -5.18 -18.68
C GLY A 12 -33.76 -6.54 -18.06
N ASN A 13 -32.55 -6.73 -17.52
CA ASN A 13 -32.23 -7.99 -16.86
C ASN A 13 -32.91 -7.92 -15.49
N MET A 14 -33.48 -9.04 -15.09
CA MET A 14 -34.19 -9.13 -13.82
C MET A 14 -33.34 -9.69 -12.73
N ALA A 15 -32.12 -10.06 -13.06
CA ALA A 15 -31.22 -10.64 -12.10
C ALA A 15 -30.83 -9.63 -11.07
N LYS A 16 -30.13 -10.08 -10.05
CA LYS A 16 -29.69 -9.23 -8.97
C LYS A 16 -28.23 -8.77 -9.10
N ALA A 17 -27.94 -7.76 -8.29
CA ALA A 17 -26.62 -7.22 -8.17
C ALA A 17 -25.87 -8.08 -7.20
N LYS A 18 -24.60 -8.28 -7.50
CA LYS A 18 -23.71 -8.96 -6.57
C LYS A 18 -22.95 -7.74 -5.99
N TYR A 19 -22.51 -6.83 -6.86
CA TYR A 19 -21.81 -5.65 -6.45
C TYR A 19 -22.46 -4.34 -6.91
N THR A 20 -22.23 -3.29 -6.12
CA THR A 20 -22.74 -1.94 -6.39
C THR A 20 -21.55 -0.96 -6.40
N LEU A 21 -21.43 -0.24 -7.51
CA LEU A 21 -20.38 0.74 -7.73
C LEU A 21 -21.02 2.11 -7.96
N VAL A 22 -20.50 3.16 -7.34
CA VAL A 22 -21.06 4.48 -7.52
C VAL A 22 -20.02 5.39 -8.15
N LEU A 23 -20.39 6.05 -9.24
CA LEU A 23 -19.50 6.96 -9.94
C LEU A 23 -20.08 8.34 -9.87
N ILE A 24 -19.24 9.34 -9.74
CA ILE A 24 -19.73 10.70 -9.74
C ILE A 24 -18.75 11.65 -10.41
N ARG A 25 -19.32 12.52 -11.24
CA ARG A 25 -18.59 13.52 -11.94
C ARG A 25 -18.71 14.82 -11.14
N HIS A 26 -17.61 15.52 -10.94
CA HIS A 26 -17.61 16.75 -10.16
C HIS A 26 -18.46 17.79 -10.83
N GLY A 27 -18.98 18.71 -10.02
CA GLY A 27 -19.82 19.78 -10.51
C GLY A 27 -19.01 20.88 -11.15
N GLU A 28 -19.72 21.89 -11.61
CA GLU A 28 -19.15 23.04 -12.25
C GLU A 28 -17.90 23.66 -11.55
N SER A 29 -16.90 23.96 -12.35
CA SER A 29 -15.67 24.59 -11.87
C SER A 29 -15.71 26.05 -12.26
N THR A 30 -14.77 26.81 -11.73
CA THR A 30 -14.71 28.24 -12.04
C THR A 30 -14.53 28.46 -13.56
N TRP A 31 -13.69 27.65 -14.17
CA TRP A 31 -13.43 27.74 -15.62
C TRP A 31 -14.59 27.25 -16.51
N ASN A 32 -15.47 26.37 -15.99
CA ASN A 32 -16.64 25.94 -16.74
C ASN A 32 -17.50 27.20 -16.95
N LYS A 33 -17.56 28.05 -15.94
CA LYS A 33 -18.30 29.30 -16.03
C LYS A 33 -17.60 30.31 -16.91
N GLU A 34 -16.28 30.36 -16.79
CA GLU A 34 -15.48 31.29 -17.60
C GLU A 34 -15.41 30.81 -19.06
N ASN A 35 -16.06 29.66 -19.36
CA ASN A 35 -16.09 29.08 -20.70
C ASN A 35 -14.64 28.93 -21.17
N ARG A 36 -13.89 28.10 -20.47
N ARG A 36 -13.88 28.12 -20.45
CA ARG A 36 -12.48 27.93 -20.74
CA ARG A 36 -12.47 27.96 -20.71
C ARG A 36 -12.00 26.50 -20.53
C ARG A 36 -12.00 26.51 -20.52
N PHE A 37 -11.19 26.01 -21.46
CA PHE A 37 -10.68 24.61 -21.39
C PHE A 37 -9.83 24.37 -20.17
N THR A 38 -10.17 23.34 -19.41
CA THR A 38 -9.44 23.08 -18.20
C THR A 38 -8.44 21.95 -18.32
N GLY A 39 -8.90 20.73 -18.60
CA GLY A 39 -8.00 19.60 -18.67
C GLY A 39 -7.32 19.36 -17.30
N TRP A 40 -6.00 19.28 -17.28
CA TRP A 40 -5.31 19.06 -16.01
C TRP A 40 -5.07 20.34 -15.20
N THR A 41 -5.59 21.47 -15.66
CA THR A 41 -5.44 22.70 -14.89
C THR A 41 -6.20 22.44 -13.59
N ASP A 42 -5.52 22.62 -12.47
CA ASP A 42 -6.09 22.31 -11.17
C ASP A 42 -6.95 23.44 -10.58
N VAL A 43 -8.04 23.77 -11.27
CA VAL A 43 -8.94 24.85 -10.83
C VAL A 43 -9.96 24.32 -9.84
N PRO A 44 -10.44 25.18 -8.96
CA PRO A 44 -11.43 24.79 -7.96
C PRO A 44 -12.86 24.77 -8.47
N LEU A 45 -13.74 24.18 -7.65
CA LEU A 45 -15.15 24.14 -7.95
C LEU A 45 -15.74 25.54 -7.74
N SER A 46 -16.81 25.85 -8.46
CA SER A 46 -17.51 27.12 -8.26
C SER A 46 -18.40 26.87 -7.03
N PRO A 47 -19.07 27.91 -6.52
CA PRO A 47 -19.97 27.64 -5.38
C PRO A 47 -21.08 26.66 -5.78
N VAL A 48 -21.55 26.76 -7.03
CA VAL A 48 -22.58 25.84 -7.53
C VAL A 48 -22.03 24.39 -7.60
N GLY A 49 -20.75 24.24 -7.97
CA GLY A 49 -20.11 22.92 -8.03
C GLY A 49 -20.03 22.30 -6.66
N GLU A 50 -19.74 23.12 -5.64
CA GLU A 50 -19.65 22.63 -4.25
C GLU A 50 -21.00 22.12 -3.78
N GLN A 51 -22.07 22.81 -4.18
CA GLN A 51 -23.42 22.40 -3.80
C GLN A 51 -23.96 21.18 -4.53
N GLU A 52 -23.54 20.96 -5.77
CA GLU A 52 -24.00 19.76 -6.48
C GLU A 52 -23.53 18.52 -5.72
N ALA A 53 -22.33 18.57 -5.19
CA ALA A 53 -21.82 17.45 -4.43
C ALA A 53 -22.60 17.25 -3.12
N VAL A 54 -23.04 18.35 -2.49
CA VAL A 54 -23.81 18.29 -1.24
C VAL A 54 -25.14 17.61 -1.53
N GLU A 55 -25.74 17.94 -2.69
CA GLU A 55 -27.03 17.35 -3.10
C GLU A 55 -26.90 15.88 -3.46
N ALA A 56 -25.82 15.52 -4.15
CA ALA A 56 -25.57 14.12 -4.49
C ALA A 56 -25.35 13.32 -3.20
N ALA A 57 -24.67 13.92 -2.22
CA ALA A 57 -24.46 13.23 -0.92
C ALA A 57 -25.80 12.94 -0.22
N LYS A 58 -26.69 13.90 -0.21
CA LYS A 58 -27.99 13.77 0.43
C LYS A 58 -28.78 12.61 -0.21
N ALA A 59 -28.78 12.53 -1.55
CA ALA A 59 -29.48 11.46 -2.23
C ALA A 59 -28.91 10.09 -1.86
N LEU A 60 -27.58 10.00 -1.79
CA LEU A 60 -26.93 8.75 -1.39
C LEU A 60 -27.26 8.42 0.07
N LYS A 61 -27.28 9.44 0.91
CA LYS A 61 -27.61 9.29 2.31
C LYS A 61 -29.03 8.75 2.46
N GLU A 62 -29.99 9.41 1.82
CA GLU A 62 -31.42 8.98 1.85
C GLU A 62 -31.60 7.52 1.45
N LYS A 63 -30.99 7.08 0.36
CA LYS A 63 -31.08 5.68 -0.06
C LYS A 63 -30.23 4.72 0.79
N GLY A 64 -29.52 5.23 1.79
CA GLY A 64 -28.70 4.40 2.67
C GLY A 64 -27.40 3.86 2.09
N PHE A 65 -26.93 4.42 0.98
CA PHE A 65 -25.66 3.95 0.39
C PHE A 65 -24.53 4.18 1.37
N GLU A 66 -23.64 3.22 1.45
CA GLU A 66 -22.47 3.28 2.28
C GLU A 66 -21.27 2.85 1.44
N PHE A 67 -20.09 3.34 1.81
CA PHE A 67 -18.87 3.01 1.08
C PHE A 67 -17.75 2.53 1.96
N ASP A 68 -16.87 1.73 1.38
CA ASP A 68 -15.73 1.18 2.09
C ASP A 68 -14.40 1.78 1.64
N VAL A 69 -14.35 2.36 0.44
CA VAL A 69 -13.13 2.95 -0.08
C VAL A 69 -13.54 3.88 -1.18
N ALA A 70 -12.75 4.90 -1.43
CA ALA A 70 -13.07 5.85 -2.47
C ALA A 70 -11.87 6.11 -3.35
N TYR A 71 -12.10 6.21 -4.65
CA TYR A 71 -11.05 6.50 -5.61
C TYR A 71 -11.34 7.85 -6.25
N THR A 72 -10.29 8.64 -6.49
CA THR A 72 -10.40 10.00 -7.05
C THR A 72 -9.22 10.29 -7.92
N SER A 73 -9.32 11.36 -8.69
CA SER A 73 -8.21 11.79 -9.48
C SER A 73 -7.41 12.61 -8.47
N VAL A 74 -6.38 13.30 -8.94
CA VAL A 74 -5.56 14.16 -8.06
C VAL A 74 -5.87 15.63 -8.27
N LEU A 75 -6.94 15.92 -8.99
CA LEU A 75 -7.36 17.30 -9.24
C LEU A 75 -8.35 17.75 -8.16
N GLN A 76 -8.07 18.90 -7.58
CA GLN A 76 -8.86 19.46 -6.47
C GLN A 76 -10.35 19.27 -6.64
N ARG A 77 -10.84 19.64 -7.77
CA ARG A 77 -12.21 19.56 -8.18
C ARG A 77 -12.91 18.24 -7.88
N ALA A 78 -12.20 17.15 -8.14
CA ALA A 78 -12.72 15.82 -7.93
C ALA A 78 -12.49 15.45 -6.51
N VAL A 79 -11.32 15.79 -6.00
CA VAL A 79 -10.98 15.48 -4.62
C VAL A 79 -12.01 16.08 -3.67
N VAL A 80 -12.34 17.37 -3.86
CA VAL A 80 -13.28 18.03 -2.95
C VAL A 80 -14.67 17.45 -3.14
N THR A 81 -15.01 17.07 -4.37
CA THR A 81 -16.31 16.46 -4.60
C THR A 81 -16.42 15.18 -3.74
N CYS A 82 -15.38 14.36 -3.79
CA CYS A 82 -15.30 13.13 -3.01
C CYS A 82 -15.40 13.43 -1.52
N TRP A 83 -14.62 14.37 -1.02
CA TRP A 83 -14.71 14.67 0.42
C TRP A 83 -16.13 15.10 0.84
N THR A 84 -16.76 15.90 0.00
CA THR A 84 -18.10 16.38 0.28
C THR A 84 -19.10 15.20 0.35
N VAL A 85 -18.99 14.26 -0.60
CA VAL A 85 -19.86 13.12 -0.56
C VAL A 85 -19.63 12.24 0.67
N LEU A 86 -18.39 12.09 1.11
CA LEU A 86 -18.11 11.25 2.27
C LEU A 86 -18.63 11.92 3.50
N LYS A 87 -18.50 13.22 3.53
CA LYS A 87 -19.00 13.99 4.65
C LYS A 87 -20.51 13.84 4.79
N GLY A 88 -21.22 14.02 3.69
CA GLY A 88 -22.67 13.94 3.68
C GLY A 88 -23.25 12.55 3.83
N THR A 89 -22.43 11.50 3.70
CA THR A 89 -22.87 10.13 3.87
C THR A 89 -22.33 9.50 5.14
N ASP A 90 -21.57 10.26 5.93
CA ASP A 90 -20.98 9.78 7.19
C ASP A 90 -20.01 8.67 6.93
N MET A 91 -19.23 8.85 5.88
CA MET A 91 -18.20 7.92 5.47
C MET A 91 -16.77 8.54 5.47
N CYS A 92 -16.52 9.48 6.38
CA CYS A 92 -15.20 10.13 6.46
C CYS A 92 -14.10 9.24 6.95
N HIS A 93 -14.45 8.10 7.52
CA HIS A 93 -13.46 7.17 8.03
C HIS A 93 -12.82 6.28 6.97
N ILE A 94 -13.31 6.30 5.73
CA ILE A 94 -12.76 5.38 4.72
C ILE A 94 -11.53 5.86 4.00
N PRO A 95 -10.74 4.92 3.49
CA PRO A 95 -9.52 5.28 2.77
C PRO A 95 -9.90 5.89 1.46
N VAL A 96 -9.11 6.87 1.03
CA VAL A 96 -9.32 7.53 -0.23
C VAL A 96 -8.02 7.41 -1.03
N LYS A 97 -8.10 6.87 -2.25
N LYS A 97 -8.11 6.88 -2.25
CA LYS A 97 -6.90 6.72 -3.05
CA LYS A 97 -6.94 6.74 -3.08
C LYS A 97 -7.03 7.55 -4.33
C LYS A 97 -7.06 7.59 -4.32
N SER A 98 -6.06 8.43 -4.53
CA SER A 98 -6.02 9.29 -5.69
C SER A 98 -5.03 8.78 -6.71
N SER A 99 -5.27 9.13 -7.97
CA SER A 99 -4.37 8.77 -9.03
C SER A 99 -4.54 9.67 -10.20
N TRP A 100 -3.41 10.04 -10.76
CA TRP A 100 -3.41 10.83 -11.96
C TRP A 100 -4.14 10.09 -13.06
N ARG A 101 -4.26 8.78 -12.95
CA ARG A 101 -4.93 8.01 -14.00
C ARG A 101 -6.40 8.32 -14.13
N LEU A 102 -6.99 8.91 -13.11
CA LEU A 102 -8.39 9.31 -13.14
C LEU A 102 -8.56 10.80 -13.51
N ASN A 103 -7.47 11.49 -13.82
CA ASN A 103 -7.54 12.86 -14.22
C ASN A 103 -8.36 13.09 -15.47
N GLU A 104 -8.88 14.32 -15.58
CA GLU A 104 -9.64 14.75 -16.76
C GLU A 104 -8.71 14.59 -17.95
N ARG A 105 -9.29 14.55 -19.12
CA ARG A 105 -8.52 14.48 -20.33
C ARG A 105 -7.65 15.74 -20.42
N HIS A 106 -6.40 15.59 -20.79
CA HIS A 106 -5.50 16.75 -20.94
C HIS A 106 -5.77 17.46 -22.32
N TYR A 107 -6.06 18.76 -22.29
CA TYR A 107 -6.40 19.53 -23.52
C TYR A 107 -5.23 20.19 -24.25
N GLY A 108 -4.03 19.74 -23.96
CA GLY A 108 -2.85 20.29 -24.58
C GLY A 108 -2.76 21.82 -24.58
N ALA A 109 -2.35 22.36 -25.71
CA ALA A 109 -2.16 23.81 -25.90
C ALA A 109 -3.43 24.64 -25.71
N LEU A 110 -4.59 23.99 -25.63
CA LEU A 110 -5.83 24.73 -25.44
C LEU A 110 -6.11 25.06 -23.98
N GLN A 111 -5.47 24.36 -23.07
CA GLN A 111 -5.73 24.59 -21.66
C GLN A 111 -5.50 26.04 -21.24
N GLY A 112 -6.51 26.62 -20.62
CA GLY A 112 -6.44 27.99 -20.14
C GLY A 112 -7.06 29.00 -21.09
N LEU A 113 -7.32 28.58 -22.31
CA LEU A 113 -7.87 29.50 -23.26
C LEU A 113 -9.38 29.46 -23.29
N ASN A 114 -9.96 30.64 -23.53
CA ASN A 114 -11.41 30.82 -23.68
C ASN A 114 -11.85 30.17 -25.00
N LYS A 115 -13.08 29.67 -25.06
CA LYS A 115 -13.63 29.03 -26.26
C LYS A 115 -13.68 29.93 -27.47
N ALA A 116 -14.13 31.16 -27.28
CA ALA A 116 -14.20 32.13 -28.36
C ALA A 116 -12.78 32.45 -28.86
N GLU A 117 -11.88 32.77 -27.94
CA GLU A 117 -10.50 33.12 -28.29
C GLU A 117 -9.75 31.89 -28.94
N THR A 118 -10.14 30.65 -28.63
CA THR A 118 -9.53 29.48 -29.30
C THR A 118 -10.24 29.26 -30.64
N ALA A 119 -11.55 29.51 -30.68
CA ALA A 119 -12.33 29.37 -31.91
C ALA A 119 -11.83 30.35 -32.94
N ALA A 120 -11.58 31.60 -32.53
CA ALA A 120 -11.08 32.64 -33.45
C ALA A 120 -9.63 32.36 -33.90
N LYS A 121 -8.83 31.78 -33.01
CA LYS A 121 -7.45 31.44 -33.26
C LYS A 121 -7.29 30.21 -34.19
N HIS A 122 -7.93 29.10 -33.79
CA HIS A 122 -7.86 27.82 -34.51
C HIS A 122 -9.02 27.48 -35.48
N GLY A 123 -10.17 28.12 -35.34
CA GLY A 123 -11.36 27.82 -36.18
C GLY A 123 -12.46 27.15 -35.37
N ASP A 124 -13.72 27.44 -35.69
CA ASP A 124 -14.88 26.91 -34.94
C ASP A 124 -15.07 25.40 -34.98
N GLU A 125 -14.99 24.85 -36.18
CA GLU A 125 -15.22 23.42 -36.41
C GLU A 125 -14.05 22.56 -35.94
N GLN A 126 -12.84 23.08 -36.07
CA GLN A 126 -11.64 22.40 -35.64
C GLN A 126 -11.70 22.13 -34.14
N VAL A 127 -12.32 23.05 -33.41
CA VAL A 127 -12.47 22.91 -31.97
C VAL A 127 -13.54 21.89 -31.64
N LYS A 128 -14.60 21.86 -32.43
CA LYS A 128 -15.66 20.86 -32.23
C LYS A 128 -15.04 19.46 -32.42
N ILE A 129 -14.11 19.33 -33.36
CA ILE A 129 -13.42 18.06 -33.59
C ILE A 129 -12.57 17.73 -32.38
N TRP A 130 -11.72 18.67 -31.96
CA TRP A 130 -10.88 18.43 -30.80
C TRP A 130 -11.68 18.10 -29.52
N ARG A 131 -12.89 18.65 -29.40
CA ARG A 131 -13.73 18.43 -28.21
C ARG A 131 -14.56 17.13 -28.22
N ARG A 132 -15.15 16.79 -29.36
CA ARG A 132 -16.02 15.63 -29.51
C ARG A 132 -15.46 14.41 -30.21
N SER A 133 -14.26 14.53 -30.74
CA SER A 133 -13.61 13.44 -31.46
C SER A 133 -13.09 12.37 -30.49
N TYR A 134 -12.87 11.16 -31.02
CA TYR A 134 -12.33 10.07 -30.20
C TYR A 134 -10.80 9.98 -30.25
N ASP A 135 -10.24 10.10 -31.45
CA ASP A 135 -8.80 9.89 -31.69
C ASP A 135 -7.96 11.07 -32.23
N ILE A 136 -8.52 12.27 -32.29
CA ILE A 136 -7.80 13.43 -32.79
C ILE A 136 -7.59 14.41 -31.63
N PRO A 137 -6.36 14.50 -31.13
CA PRO A 137 -6.07 15.34 -29.97
C PRO A 137 -5.79 16.76 -30.39
N PRO A 138 -5.92 17.69 -29.44
CA PRO A 138 -5.62 19.09 -29.68
C PRO A 138 -4.12 19.30 -29.77
N PRO A 139 -3.69 20.48 -30.23
CA PRO A 139 -2.25 20.77 -30.38
C PRO A 139 -1.49 20.53 -29.09
N PRO A 140 -0.33 19.90 -29.20
CA PRO A 140 0.43 19.55 -28.02
C PRO A 140 1.26 20.67 -27.43
N LEU A 141 1.51 20.58 -26.13
CA LEU A 141 2.34 21.52 -25.44
C LEU A 141 3.79 21.14 -25.71
N GLU A 142 4.71 22.03 -25.34
CA GLU A 142 6.14 21.80 -25.41
C GLU A 142 6.56 21.45 -23.99
N LYS A 143 7.68 20.75 -23.83
CA LYS A 143 8.17 20.40 -22.48
C LYS A 143 8.56 21.62 -21.67
N SER A 144 8.82 22.73 -22.31
CA SER A 144 9.19 23.97 -21.61
C SER A 144 7.96 24.66 -21.00
N ASP A 145 6.76 24.25 -21.41
CA ASP A 145 5.50 24.92 -21.00
C ASP A 145 5.10 24.52 -19.60
N LYS A 146 4.64 25.46 -18.78
CA LYS A 146 4.24 25.13 -17.39
C LYS A 146 2.97 24.29 -17.25
N ARG A 147 2.16 24.27 -18.30
CA ARG A 147 0.94 23.53 -18.30
C ARG A 147 1.26 22.04 -18.47
N TRP A 148 2.50 21.70 -18.84
CA TRP A 148 2.89 20.29 -18.94
C TRP A 148 3.08 19.72 -17.54
N PRO A 149 2.29 18.69 -17.18
CA PRO A 149 2.40 18.09 -15.88
C PRO A 149 3.81 17.69 -15.50
N GLY A 150 4.66 17.36 -16.49
CA GLY A 150 6.08 17.03 -16.22
C GLY A 150 6.85 18.13 -15.48
N ASN A 151 6.36 19.37 -15.53
CA ASN A 151 6.99 20.47 -14.80
C ASN A 151 6.30 20.78 -13.46
N ASP A 152 5.28 20.03 -13.12
CA ASP A 152 4.50 20.33 -11.94
C ASP A 152 4.86 19.39 -10.81
N ALA A 153 5.17 19.98 -9.64
CA ALA A 153 5.56 19.23 -8.44
C ALA A 153 4.51 18.19 -8.04
N VAL A 154 3.25 18.45 -8.35
CA VAL A 154 2.20 17.52 -8.06
C VAL A 154 2.53 16.14 -8.63
N TYR A 155 3.24 16.09 -9.76
CA TYR A 155 3.57 14.82 -10.41
C TYR A 155 5.05 14.44 -10.30
N LYS A 156 5.72 14.99 -9.30
CA LYS A 156 7.17 14.72 -9.11
C LYS A 156 7.49 13.25 -9.03
N MET A 157 6.63 12.45 -8.42
CA MET A 157 6.88 11.01 -8.31
C MET A 157 6.36 10.15 -9.47
N VAL A 158 5.92 10.79 -10.54
CA VAL A 158 5.41 10.08 -11.70
C VAL A 158 6.34 10.32 -12.86
N PRO A 159 6.85 9.24 -13.49
CA PRO A 159 7.73 9.39 -14.62
C PRO A 159 7.13 10.30 -15.68
N ASN A 160 7.95 11.20 -16.20
CA ASN A 160 7.52 12.17 -17.18
C ASN A 160 6.98 11.57 -18.46
N GLU A 161 7.49 10.42 -18.85
CA GLU A 161 7.03 9.74 -20.06
C GLU A 161 5.52 9.41 -19.99
N ALA A 162 4.99 9.26 -18.78
CA ALA A 162 3.57 8.94 -18.60
C ALA A 162 2.68 10.18 -18.60
N LEU A 163 3.29 11.36 -18.50
CA LEU A 163 2.53 12.59 -18.41
C LEU A 163 2.32 13.19 -19.79
N PRO A 164 1.05 13.38 -20.18
CA PRO A 164 0.75 13.83 -21.52
C PRO A 164 1.05 15.27 -21.89
N LEU A 165 1.35 15.47 -23.15
CA LEU A 165 1.53 16.79 -23.72
C LEU A 165 0.19 17.26 -24.26
N THR A 166 -0.69 16.29 -24.51
CA THR A 166 -2.03 16.49 -25.04
C THR A 166 -2.70 15.13 -25.05
N GLU A 167 -4.01 15.09 -25.20
CA GLU A 167 -4.75 13.82 -25.23
C GLU A 167 -6.06 13.88 -25.98
N CYS A 168 -6.41 12.75 -26.59
CA CYS A 168 -7.69 12.57 -27.23
C CYS A 168 -8.38 11.59 -26.27
N LEU A 169 -9.68 11.40 -26.42
CA LEU A 169 -10.40 10.52 -25.51
C LEU A 169 -9.76 9.16 -25.49
N LYS A 170 -9.31 8.70 -26.65
CA LYS A 170 -8.67 7.40 -26.76
C LYS A 170 -7.50 7.25 -25.78
N ASP A 171 -6.61 8.23 -25.75
CA ASP A 171 -5.47 8.22 -24.84
C ASP A 171 -5.93 8.17 -23.40
N THR A 172 -6.98 8.93 -23.12
CA THR A 172 -7.54 8.99 -21.77
C THR A 172 -8.03 7.59 -21.36
N VAL A 173 -8.77 6.95 -22.25
CA VAL A 173 -9.28 5.61 -21.98
C VAL A 173 -8.13 4.66 -21.68
N GLU A 174 -7.07 4.70 -22.48
CA GLU A 174 -5.93 3.80 -22.28
C GLU A 174 -5.20 4.04 -20.99
N ARG A 175 -5.24 5.25 -20.49
CA ARG A 175 -4.50 5.44 -19.22
C ARG A 175 -5.38 5.19 -18.02
N VAL A 176 -6.71 5.16 -18.21
CA VAL A 176 -7.65 4.88 -17.14
C VAL A 176 -7.78 3.41 -16.85
N LEU A 177 -7.87 2.60 -17.91
CA LEU A 177 -8.07 1.16 -17.75
C LEU A 177 -7.13 0.48 -16.78
N PRO A 178 -5.86 0.76 -16.87
CA PRO A 178 -5.00 0.06 -15.93
C PRO A 178 -5.37 0.30 -14.49
N PHE A 179 -5.81 1.51 -14.16
CA PHE A 179 -6.20 1.79 -12.79
C PHE A 179 -7.48 0.99 -12.42
N TRP A 180 -8.38 0.85 -13.39
CA TRP A 180 -9.56 0.04 -13.18
C TRP A 180 -9.15 -1.40 -12.83
N PHE A 181 -8.30 -2.00 -13.65
CA PHE A 181 -7.88 -3.39 -13.43
C PHE A 181 -6.99 -3.62 -12.25
N ASP A 182 -6.17 -2.66 -11.91
CA ASP A 182 -5.22 -2.80 -10.82
C ASP A 182 -5.73 -2.36 -9.46
N HIS A 183 -6.68 -1.42 -9.41
CA HIS A 183 -7.19 -0.96 -8.10
C HIS A 183 -8.69 -0.99 -7.86
N ILE A 184 -9.43 -0.35 -8.73
CA ILE A 184 -10.85 -0.24 -8.57
C ILE A 184 -11.54 -1.59 -8.62
N ALA A 185 -11.32 -2.33 -9.70
CA ALA A 185 -11.99 -3.65 -9.86
C ALA A 185 -11.62 -4.58 -8.73
N PRO A 186 -10.32 -4.70 -8.42
CA PRO A 186 -10.01 -5.62 -7.31
C PRO A 186 -10.74 -5.27 -6.01
N SER A 187 -10.95 -3.97 -5.75
CA SER A 187 -11.67 -3.58 -4.52
C SER A 187 -13.09 -4.06 -4.57
N ILE A 188 -13.71 -3.93 -5.74
CA ILE A 188 -15.07 -4.42 -5.92
C ILE A 188 -15.10 -5.94 -5.69
N MET A 189 -14.12 -6.66 -6.25
CA MET A 189 -14.01 -8.13 -6.10
C MET A 189 -13.77 -8.52 -4.65
N GLU A 190 -13.03 -7.73 -3.90
CA GLU A 190 -12.77 -7.99 -2.48
C GLU A 190 -14.02 -7.80 -1.63
N GLY A 191 -15.10 -7.30 -2.22
CA GLY A 191 -16.35 -7.10 -1.51
C GLY A 191 -16.57 -5.68 -1.04
N LYS A 192 -15.73 -4.75 -1.44
CA LYS A 192 -15.85 -3.37 -1.01
C LYS A 192 -16.78 -2.54 -1.85
N ARG A 193 -17.55 -1.71 -1.14
CA ARG A 193 -18.49 -0.82 -1.75
C ARG A 193 -17.65 0.38 -2.14
N VAL A 194 -17.48 0.55 -3.45
CA VAL A 194 -16.62 1.60 -3.99
C VAL A 194 -17.31 2.85 -4.49
N LEU A 195 -16.66 3.99 -4.24
CA LEU A 195 -17.09 5.30 -4.75
C LEU A 195 -15.98 5.82 -5.66
N VAL A 196 -16.33 6.32 -6.84
CA VAL A 196 -15.32 6.89 -7.74
C VAL A 196 -15.72 8.32 -8.07
N ALA A 197 -14.90 9.27 -7.65
CA ALA A 197 -15.16 10.68 -7.94
C ALA A 197 -14.11 11.12 -8.94
N ALA A 198 -14.55 11.42 -10.15
CA ALA A 198 -13.64 11.81 -11.20
C ALA A 198 -14.25 12.85 -12.16
N HIS A 199 -13.86 12.79 -13.42
CA HIS A 199 -14.27 13.74 -14.43
C HIS A 199 -15.01 13.12 -15.60
N GLY A 200 -15.55 13.98 -16.44
CA GLY A 200 -16.31 13.57 -17.61
C GLY A 200 -15.62 12.54 -18.47
N ASN A 201 -14.43 12.84 -18.95
CA ASN A 201 -13.76 11.90 -19.84
C ASN A 201 -13.17 10.69 -19.20
N SER A 202 -12.65 10.83 -17.99
CA SER A 202 -12.13 9.68 -17.30
C SER A 202 -13.28 8.72 -16.98
N LEU A 203 -14.45 9.23 -16.57
CA LEU A 203 -15.59 8.36 -16.29
C LEU A 203 -16.10 7.75 -17.58
N ARG A 204 -16.04 8.49 -18.69
CA ARG A 204 -16.49 7.93 -19.96
C ARG A 204 -15.62 6.73 -20.31
N GLY A 205 -14.38 6.80 -19.90
CA GLY A 205 -13.45 5.71 -20.09
C GLY A 205 -13.90 4.46 -19.37
N LEU A 206 -14.27 4.59 -18.10
CA LEU A 206 -14.76 3.45 -17.35
C LEU A 206 -16.06 2.89 -17.90
N VAL A 207 -16.96 3.78 -18.25
CA VAL A 207 -18.25 3.36 -18.74
C VAL A 207 -18.10 2.65 -20.08
N LYS A 208 -17.19 3.14 -20.89
CA LYS A 208 -16.94 2.55 -22.20
C LYS A 208 -16.58 1.11 -22.02
N HIS A 209 -15.73 0.86 -21.02
CA HIS A 209 -15.29 -0.48 -20.71
C HIS A 209 -16.41 -1.30 -20.09
N LEU A 210 -17.05 -0.75 -19.06
CA LEU A 210 -18.12 -1.47 -18.36
C LEU A 210 -19.21 -1.95 -19.29
N ASP A 211 -19.74 -1.05 -20.11
CA ASP A 211 -20.81 -1.36 -21.03
C ASP A 211 -20.33 -1.80 -22.38
N LYS A 212 -19.03 -2.09 -22.52
CA LYS A 212 -18.48 -2.50 -23.83
C LYS A 212 -18.97 -1.61 -24.98
N MET A 213 -18.90 -0.30 -24.81
CA MET A 213 -19.34 0.60 -25.85
C MET A 213 -18.31 0.72 -26.97
N SER A 214 -18.79 0.99 -28.18
CA SER A 214 -17.90 1.16 -29.33
C SER A 214 -17.30 2.55 -29.30
N ASP A 215 -16.24 2.72 -30.08
CA ASP A 215 -15.57 4.01 -30.19
C ASP A 215 -16.57 5.08 -30.60
N GLU A 216 -17.49 4.73 -31.51
CA GLU A 216 -18.49 5.67 -32.01
C GLU A 216 -19.59 5.99 -30.99
N ALA A 217 -20.01 4.99 -30.23
CA ALA A 217 -21.05 5.16 -29.25
C ALA A 217 -20.67 6.04 -28.04
N VAL A 218 -19.43 5.94 -27.55
CA VAL A 218 -19.00 6.73 -26.39
C VAL A 218 -19.01 8.24 -26.69
N LEU A 219 -19.02 8.62 -27.96
CA LEU A 219 -19.09 10.04 -28.31
C LEU A 219 -20.45 10.64 -27.94
N GLU A 220 -21.49 9.81 -27.92
CA GLU A 220 -22.83 10.26 -27.59
C GLU A 220 -23.09 10.17 -26.10
N LEU A 221 -22.22 9.47 -25.38
CA LEU A 221 -22.36 9.35 -23.95
C LEU A 221 -22.07 10.67 -23.27
N ASN A 222 -23.06 11.16 -22.52
CA ASN A 222 -22.95 12.39 -21.78
C ASN A 222 -23.20 12.07 -20.33
N ILE A 223 -22.21 12.28 -19.48
CA ILE A 223 -22.38 12.03 -18.08
C ILE A 223 -22.68 13.35 -17.42
N PRO A 224 -23.84 13.44 -16.77
CA PRO A 224 -24.19 14.69 -16.14
C PRO A 224 -23.36 14.95 -14.89
N THR A 225 -23.16 16.22 -14.59
CA THR A 225 -22.38 16.62 -13.45
C THR A 225 -23.15 16.56 -12.15
N GLY A 226 -22.47 16.15 -11.09
CA GLY A 226 -23.06 16.07 -9.75
C GLY A 226 -24.18 15.10 -9.50
N VAL A 227 -24.30 14.08 -10.32
CA VAL A 227 -25.35 13.12 -10.16
C VAL A 227 -24.75 11.75 -9.96
N PRO A 228 -25.07 11.07 -8.83
CA PRO A 228 -24.50 9.74 -8.67
C PRO A 228 -25.02 8.79 -9.74
N LEU A 229 -24.10 8.01 -10.31
CA LEU A 229 -24.39 7.03 -11.33
C LEU A 229 -24.09 5.72 -10.66
N VAL A 230 -25.10 4.87 -10.53
CA VAL A 230 -24.92 3.62 -9.84
C VAL A 230 -24.87 2.45 -10.79
N TYR A 231 -23.88 1.59 -10.61
CA TYR A 231 -23.75 0.39 -11.40
C TYR A 231 -23.93 -0.86 -10.58
N GLU A 232 -24.88 -1.69 -11.00
CA GLU A 232 -25.13 -2.96 -10.37
C GLU A 232 -24.41 -3.96 -11.26
N LEU A 233 -23.38 -4.59 -10.70
CA LEU A 233 -22.57 -5.52 -11.48
C LEU A 233 -22.71 -6.92 -11.02
N ASP A 234 -22.55 -7.86 -11.93
CA ASP A 234 -22.62 -9.26 -11.56
C ASP A 234 -21.28 -9.76 -11.03
N GLU A 235 -21.28 -11.02 -10.64
CA GLU A 235 -20.10 -11.72 -10.12
C GLU A 235 -18.80 -11.51 -10.96
N ASP A 236 -18.94 -11.39 -12.28
CA ASP A 236 -17.83 -11.18 -13.23
C ASP A 236 -17.64 -9.71 -13.61
N LEU A 237 -18.21 -8.81 -12.81
CA LEU A 237 -18.11 -7.37 -13.00
C LEU A 237 -18.83 -6.83 -14.24
N GLN A 238 -19.75 -7.61 -14.81
CA GLN A 238 -20.51 -7.14 -15.98
C GLN A 238 -21.79 -6.46 -15.48
N PRO A 239 -22.13 -5.30 -16.07
CA PRO A 239 -23.30 -4.59 -15.66
C PRO A 239 -24.60 -5.36 -15.82
N VAL A 240 -25.38 -5.37 -14.77
CA VAL A 240 -26.70 -5.94 -14.77
C VAL A 240 -27.63 -4.77 -15.13
N ARG A 241 -27.34 -3.59 -14.60
CA ARG A 241 -28.10 -2.38 -14.89
C ARG A 241 -27.41 -1.16 -14.29
N HIS A 242 -27.79 0.03 -14.72
CA HIS A 242 -27.23 1.28 -14.17
C HIS A 242 -28.30 2.34 -14.10
N TYR A 243 -28.09 3.30 -13.23
CA TYR A 243 -29.10 4.35 -13.07
C TYR A 243 -28.54 5.52 -12.28
N TYR A 244 -29.16 6.68 -12.45
CA TYR A 244 -28.76 7.90 -11.78
C TYR A 244 -29.71 8.19 -10.62
N LEU A 245 -29.18 8.76 -9.55
CA LEU A 245 -30.03 9.08 -8.42
C LEU A 245 -30.65 10.46 -8.56
N LEU A 246 -31.68 10.56 -9.39
CA LEU A 246 -32.36 11.82 -9.61
C LEU A 246 -33.71 11.61 -10.26
N ASP A 247 -34.68 12.50 -9.99
CA ASP A 247 -36.01 12.37 -10.57
C ASP A 247 -35.87 12.55 -12.08
N GLU A 248 -36.74 11.92 -12.86
CA GLU A 248 -36.67 12.03 -14.32
C GLU A 248 -36.73 13.48 -14.81
N ALA A 249 -37.34 14.36 -14.01
CA ALA A 249 -37.44 15.78 -14.37
C ALA A 249 -36.07 16.50 -14.31
N GLU A 250 -35.46 16.50 -13.12
CA GLU A 250 -34.16 17.16 -12.93
C GLU A 250 -33.09 16.47 -13.79
N LEU A 251 -33.22 15.16 -13.97
CA LEU A 251 -32.26 14.39 -14.77
C LEU A 251 -32.28 14.72 -16.25
N LYS A 252 -33.47 14.92 -16.83
CA LYS A 252 -33.54 15.24 -18.28
C LYS A 252 -32.86 16.59 -18.54
N ALA A 253 -33.06 17.55 -17.62
CA ALA A 253 -32.43 18.88 -17.72
C ALA A 253 -30.90 18.85 -17.51
N LYS A 254 -30.42 17.94 -16.67
CA LYS A 254 -28.98 17.77 -16.39
C LYS A 254 -28.26 17.18 -17.60
N MET A 255 -28.91 16.27 -18.32
CA MET A 255 -28.31 15.65 -19.50
C MET A 255 -28.23 16.58 -20.70
N GLU A 256 -29.20 17.48 -20.81
CA GLU A 256 -29.20 18.46 -21.89
C GLU A 256 -28.01 19.44 -21.81
N ALA A 257 -27.50 19.70 -20.61
CA ALA A 257 -26.36 20.62 -20.43
C ALA A 257 -25.01 19.93 -20.65
N ALA B 15 22.36 20.43 17.31
CA ALA B 15 21.10 21.19 17.01
C ALA B 15 20.99 21.64 15.52
N LYS B 16 21.11 20.66 14.62
CA LYS B 16 21.02 20.88 13.16
C LYS B 16 19.76 20.26 12.57
N ALA B 17 18.74 21.08 12.33
CA ALA B 17 17.47 20.59 11.75
C ALA B 17 17.60 20.16 10.30
N LYS B 18 16.83 19.15 9.94
CA LYS B 18 16.81 18.58 8.61
C LYS B 18 15.37 18.39 8.09
N TYR B 19 14.49 17.96 8.98
CA TYR B 19 13.09 17.68 8.64
C TYR B 19 12.12 18.56 9.38
N THR B 20 10.97 18.78 8.76
CA THR B 20 9.91 19.61 9.28
C THR B 20 8.61 18.82 9.33
N LEU B 21 8.02 18.76 10.52
CA LEU B 21 6.78 18.03 10.76
C LEU B 21 5.75 19.01 11.29
N VAL B 22 4.51 18.94 10.80
CA VAL B 22 3.48 19.82 11.28
C VAL B 22 2.38 19.05 11.94
N LEU B 23 2.05 19.41 13.17
CA LEU B 23 0.99 18.74 13.90
C LEU B 23 -0.14 19.70 14.13
N ILE B 24 -1.37 19.22 14.05
CA ILE B 24 -2.48 20.11 14.35
C ILE B 24 -3.60 19.38 15.07
N ARG B 25 -4.10 20.03 16.11
CA ARG B 25 -5.20 19.55 16.89
C ARG B 25 -6.47 20.23 16.33
N HIS B 26 -7.53 19.45 16.09
CA HIS B 26 -8.75 19.98 15.55
C HIS B 26 -9.32 21.00 16.51
N GLY B 27 -10.10 21.92 15.95
CA GLY B 27 -10.77 22.94 16.74
C GLY B 27 -11.98 22.38 17.45
N GLU B 28 -12.64 23.26 18.17
CA GLU B 28 -13.84 22.96 18.92
C GLU B 28 -14.93 22.11 18.18
N SER B 29 -15.45 21.10 18.91
CA SER B 29 -16.49 20.23 18.41
C SER B 29 -17.78 20.65 19.06
N THR B 30 -18.90 20.11 18.57
CA THR B 30 -20.19 20.43 19.13
C THR B 30 -20.25 20.07 20.64
N TRP B 31 -19.68 18.92 21.01
CA TRP B 31 -19.65 18.46 22.40
C TRP B 31 -18.71 19.26 23.30
N ASN B 32 -17.69 19.91 22.73
CA ASN B 32 -16.80 20.78 23.53
C ASN B 32 -17.66 21.92 24.05
N LYS B 33 -18.56 22.43 23.20
CA LYS B 33 -19.49 23.50 23.59
C LYS B 33 -20.56 23.00 24.53
N GLU B 34 -21.02 21.78 24.28
CA GLU B 34 -22.07 21.18 25.08
C GLU B 34 -21.47 20.65 26.42
N ASN B 35 -20.16 20.88 26.63
CA ASN B 35 -19.47 20.51 27.85
C ASN B 35 -19.67 19.02 28.15
N ARG B 36 -19.17 18.17 27.26
CA ARG B 36 -19.36 16.72 27.36
C ARG B 36 -18.18 15.90 26.84
N PHE B 37 -17.80 14.83 27.57
CA PHE B 37 -16.66 13.93 27.21
C PHE B 37 -16.93 13.28 25.86
N THR B 38 -16.01 13.43 24.94
CA THR B 38 -16.23 12.87 23.61
C THR B 38 -15.52 11.54 23.38
N GLY B 39 -14.20 11.54 23.47
CA GLY B 39 -13.45 10.30 23.25
C GLY B 39 -13.67 9.85 21.82
N TRP B 40 -14.05 8.60 21.63
CA TRP B 40 -14.26 8.08 20.27
C TRP B 40 -15.62 8.43 19.70
N THR B 41 -16.41 9.21 20.42
CA THR B 41 -17.70 9.59 19.90
C THR B 41 -17.39 10.42 18.66
N ASP B 42 -17.97 10.04 17.52
CA ASP B 42 -17.66 10.69 16.25
C ASP B 42 -18.51 11.94 15.98
N VAL B 43 -18.36 12.94 16.83
CA VAL B 43 -19.11 14.19 16.71
C VAL B 43 -18.41 15.15 15.76
N PRO B 44 -19.17 16.02 15.10
CA PRO B 44 -18.61 16.97 14.14
C PRO B 44 -18.04 18.21 14.78
N LEU B 45 -17.33 19.00 13.97
CA LEU B 45 -16.76 20.26 14.43
C LEU B 45 -17.88 21.27 14.54
N SER B 46 -17.71 22.26 15.41
CA SER B 46 -18.70 23.33 15.52
C SER B 46 -18.33 24.28 14.37
N PRO B 47 -19.15 25.29 14.12
CA PRO B 47 -18.74 26.24 13.08
C PRO B 47 -17.41 26.90 13.45
N VAL B 48 -17.19 27.17 14.74
CA VAL B 48 -15.94 27.79 15.20
C VAL B 48 -14.76 26.85 14.94
N GLY B 49 -14.98 25.55 15.10
CA GLY B 49 -13.96 24.55 14.87
C GLY B 49 -13.56 24.53 13.41
N GLU B 50 -14.55 24.65 12.53
CA GLU B 50 -14.31 24.64 11.08
C GLU B 50 -13.46 25.81 10.70
N GLN B 51 -13.70 26.95 11.35
CA GLN B 51 -12.96 28.16 11.03
C GLN B 51 -11.54 28.18 11.58
N GLU B 52 -11.30 27.52 12.71
CA GLU B 52 -9.95 27.49 13.24
C GLU B 52 -9.05 26.81 12.23
N ALA B 53 -9.57 25.79 11.56
CA ALA B 53 -8.79 25.08 10.56
C ALA B 53 -8.52 25.97 9.36
N VAL B 54 -9.48 26.82 9.00
CA VAL B 54 -9.33 27.74 7.86
C VAL B 54 -8.23 28.74 8.16
N GLU B 55 -8.18 29.21 9.41
CA GLU B 55 -7.17 30.15 9.88
C GLU B 55 -5.78 29.54 9.96
N ALA B 56 -5.72 28.30 10.44
CA ALA B 56 -4.44 27.58 10.51
C ALA B 56 -3.92 27.35 9.07
N ALA B 57 -4.81 27.08 8.13
CA ALA B 57 -4.42 26.86 6.73
C ALA B 57 -3.80 28.13 6.16
N LYS B 58 -4.42 29.28 6.40
CA LYS B 58 -3.87 30.55 5.92
C LYS B 58 -2.46 30.81 6.47
N ALA B 59 -2.23 30.57 7.75
CA ALA B 59 -0.92 30.79 8.36
C ALA B 59 0.13 29.87 7.69
N LEU B 60 -0.24 28.62 7.45
CA LEU B 60 0.67 27.68 6.76
C LEU B 60 0.92 28.15 5.32
N LYS B 61 -0.13 28.64 4.66
CA LYS B 61 -0.04 29.15 3.32
C LYS B 61 0.92 30.32 3.29
N GLU B 62 0.70 31.32 4.17
CA GLU B 62 1.57 32.51 4.25
C GLU B 62 3.06 32.19 4.44
N LYS B 63 3.37 31.26 5.33
CA LYS B 63 4.77 30.83 5.54
C LYS B 63 5.27 29.86 4.44
N GLY B 64 4.46 29.57 3.45
CA GLY B 64 4.87 28.71 2.34
C GLY B 64 4.98 27.23 2.61
N PHE B 65 4.44 26.76 3.73
CA PHE B 65 4.50 25.33 4.05
C PHE B 65 3.77 24.51 2.99
N GLU B 66 4.40 23.42 2.60
CA GLU B 66 3.82 22.51 1.64
C GLU B 66 3.95 21.12 2.23
N PHE B 67 3.04 20.22 1.84
CA PHE B 67 3.06 18.85 2.33
C PHE B 67 3.10 17.83 1.23
N ASP B 68 3.61 16.65 1.56
CA ASP B 68 3.67 15.50 0.64
C ASP B 68 2.74 14.33 1.00
N VAL B 69 2.33 14.26 2.26
CA VAL B 69 1.43 13.21 2.73
C VAL B 69 0.83 13.68 4.04
N ALA B 70 -0.37 13.23 4.35
CA ALA B 70 -1.04 13.66 5.58
C ALA B 70 -1.57 12.46 6.34
N TYR B 71 -1.45 12.51 7.66
CA TYR B 71 -1.97 11.44 8.51
C TYR B 71 -3.05 12.00 9.42
N THR B 72 -4.08 11.20 9.70
CA THR B 72 -5.24 11.62 10.43
C THR B 72 -5.81 10.48 11.22
N SER B 73 -6.69 10.79 12.18
CA SER B 73 -7.41 9.76 12.86
C SER B 73 -8.59 9.43 11.93
N VAL B 74 -9.52 8.57 12.36
CA VAL B 74 -10.71 8.23 11.57
C VAL B 74 -11.95 8.95 12.10
N LEU B 75 -11.76 9.92 12.98
CA LEU B 75 -12.85 10.68 13.52
C LEU B 75 -13.07 11.93 12.64
N GLN B 76 -14.32 12.12 12.25
CA GLN B 76 -14.73 13.24 11.39
C GLN B 76 -14.04 14.56 11.71
N ARG B 77 -14.07 14.94 12.98
CA ARG B 77 -13.48 16.22 13.44
C ARG B 77 -12.03 16.45 13.02
N ALA B 78 -11.26 15.38 12.99
CA ALA B 78 -9.88 15.48 12.61
C ALA B 78 -9.79 15.41 11.11
N VAL B 79 -10.57 14.50 10.53
CA VAL B 79 -10.54 14.30 9.08
C VAL B 79 -10.89 15.60 8.35
N VAL B 80 -11.95 16.26 8.79
CA VAL B 80 -12.35 17.52 8.18
C VAL B 80 -11.31 18.64 8.43
N THR B 81 -10.68 18.63 9.61
CA THR B 81 -9.67 19.60 9.89
C THR B 81 -8.57 19.45 8.82
N CYS B 82 -8.16 18.20 8.59
CA CYS B 82 -7.11 17.90 7.62
C CYS B 82 -7.49 18.35 6.24
N TRP B 83 -8.68 17.98 5.79
CA TRP B 83 -9.12 18.40 4.46
C TRP B 83 -9.10 19.92 4.30
N THR B 84 -9.55 20.61 5.33
CA THR B 84 -9.59 22.07 5.32
C THR B 84 -8.18 22.63 5.18
N VAL B 85 -7.24 22.08 5.91
CA VAL B 85 -5.86 22.55 5.80
C VAL B 85 -5.26 22.27 4.42
N LEU B 86 -5.60 21.12 3.82
CA LEU B 86 -5.05 20.79 2.51
C LEU B 86 -5.66 21.70 1.47
N LYS B 87 -6.92 21.98 1.64
CA LYS B 87 -7.63 22.87 0.73
C LYS B 87 -7.02 24.26 0.77
N GLY B 88 -6.78 24.78 1.97
CA GLY B 88 -6.23 26.13 2.13
C GLY B 88 -4.76 26.30 1.79
N THR B 89 -4.06 25.19 1.65
CA THR B 89 -2.63 25.22 1.31
C THR B 89 -2.40 24.71 -0.13
N ASP B 90 -3.48 24.37 -0.85
CA ASP B 90 -3.39 23.87 -2.24
C ASP B 90 -2.65 22.55 -2.31
N MET B 91 -2.93 21.70 -1.34
CA MET B 91 -2.31 20.38 -1.20
C MET B 91 -3.32 19.23 -1.26
N CYS B 92 -4.42 19.44 -2.00
CA CYS B 92 -5.45 18.38 -2.11
C CYS B 92 -5.03 17.14 -2.88
N HIS B 93 -3.92 17.23 -3.59
CA HIS B 93 -3.45 16.09 -4.35
C HIS B 93 -2.72 15.03 -3.55
N ILE B 94 -2.43 15.29 -2.28
CA ILE B 94 -1.61 14.35 -1.54
C ILE B 94 -2.37 13.23 -0.92
N PRO B 95 -1.70 12.09 -0.74
CA PRO B 95 -2.32 10.95 -0.08
C PRO B 95 -2.57 11.28 1.39
N VAL B 96 -3.68 10.77 1.89
CA VAL B 96 -4.09 10.97 3.25
C VAL B 96 -4.29 9.60 3.84
N LYS B 97 -3.61 9.30 4.93
CA LYS B 97 -3.81 8.00 5.57
C LYS B 97 -4.45 8.19 6.97
N SER B 98 -5.61 7.55 7.18
CA SER B 98 -6.32 7.60 8.44
C SER B 98 -6.08 6.33 9.22
N SER B 99 -6.11 6.44 10.54
CA SER B 99 -5.96 5.29 11.37
C SER B 99 -6.59 5.52 12.71
N TRP B 100 -7.27 4.49 13.19
CA TRP B 100 -7.84 4.54 14.50
C TRP B 100 -6.73 4.77 15.51
N ARG B 101 -5.51 4.47 15.17
CA ARG B 101 -4.40 4.68 16.12
C ARG B 101 -4.16 6.14 16.51
N LEU B 102 -4.65 7.08 15.70
CA LEU B 102 -4.54 8.48 16.01
C LEU B 102 -5.81 9.04 16.67
N ASN B 103 -6.78 8.19 16.96
CA ASN B 103 -8.00 8.63 17.60
C ASN B 103 -7.75 9.25 18.97
N GLU B 104 -8.71 10.07 19.39
CA GLU B 104 -8.68 10.68 20.70
C GLU B 104 -8.68 9.55 21.70
N ARG B 105 -8.28 9.86 22.91
CA ARG B 105 -8.31 8.90 23.98
C ARG B 105 -9.74 8.45 24.18
N HIS B 106 -9.95 7.15 24.38
CA HIS B 106 -11.29 6.63 24.63
C HIS B 106 -11.62 6.83 26.12
N TYR B 107 -12.74 7.49 26.40
CA TYR B 107 -13.14 7.80 27.78
C TYR B 107 -14.02 6.79 28.52
N GLY B 108 -14.03 5.56 28.01
CA GLY B 108 -14.80 4.50 28.62
C GLY B 108 -16.21 4.92 28.95
N ALA B 109 -16.65 4.51 30.13
CA ALA B 109 -18.02 4.80 30.62
C ALA B 109 -18.38 6.30 30.75
N LEU B 110 -17.40 7.21 30.61
CA LEU B 110 -17.67 8.65 30.67
C LEU B 110 -18.11 9.27 29.36
N GLN B 111 -17.87 8.57 28.27
CA GLN B 111 -18.25 9.14 26.98
C GLN B 111 -19.71 9.43 26.81
N GLY B 112 -19.99 10.66 26.39
CA GLY B 112 -21.38 11.07 26.17
C GLY B 112 -21.97 11.76 27.36
N LEU B 113 -21.29 11.69 28.50
CA LEU B 113 -21.82 12.32 29.66
C LEU B 113 -21.35 13.77 29.76
N ASN B 114 -22.25 14.60 30.24
CA ASN B 114 -22.05 15.99 30.50
C ASN B 114 -21.23 16.05 31.78
N LYS B 115 -20.46 17.12 31.96
CA LYS B 115 -19.62 17.25 33.17
C LYS B 115 -20.47 17.23 34.47
N ALA B 116 -21.63 17.88 34.44
CA ALA B 116 -22.55 17.90 35.57
C ALA B 116 -23.07 16.47 35.79
N GLU B 117 -23.53 15.83 34.71
CA GLU B 117 -24.03 14.44 34.80
C GLU B 117 -22.96 13.44 35.29
N THR B 118 -21.68 13.69 34.98
CA THR B 118 -20.62 12.80 35.46
C THR B 118 -20.26 13.18 36.90
N ALA B 119 -20.31 14.49 37.20
CA ALA B 119 -20.02 14.98 38.54
C ALA B 119 -21.05 14.43 39.51
N ALA B 120 -22.32 14.43 39.10
CA ALA B 120 -23.42 13.91 39.93
C ALA B 120 -23.40 12.39 40.05
N LYS B 121 -22.97 11.70 39.00
CA LYS B 121 -22.96 10.22 39.00
C LYS B 121 -21.62 9.47 39.29
N HIS B 122 -20.44 10.12 39.18
CA HIS B 122 -19.14 9.49 39.52
C HIS B 122 -18.38 10.27 40.59
N GLY B 123 -18.77 11.51 40.85
CA GLY B 123 -18.09 12.28 41.90
C GLY B 123 -17.01 13.14 41.31
N ASP B 124 -16.78 14.30 41.91
CA ASP B 124 -15.78 15.26 41.45
C ASP B 124 -14.34 14.75 41.57
N GLU B 125 -14.02 14.00 42.63
CA GLU B 125 -12.63 13.55 42.82
C GLU B 125 -12.20 12.47 41.80
N GLN B 126 -13.07 11.45 41.64
CA GLN B 126 -12.79 10.33 40.72
C GLN B 126 -12.60 10.77 39.27
N VAL B 127 -13.37 11.78 38.83
CA VAL B 127 -13.26 12.25 37.45
C VAL B 127 -12.00 13.07 37.25
N LYS B 128 -11.63 13.85 38.26
CA LYS B 128 -10.43 14.66 38.18
C LYS B 128 -9.25 13.70 38.01
N ILE B 129 -9.30 12.57 38.72
CA ILE B 129 -8.25 11.57 38.59
C ILE B 129 -8.28 10.97 37.18
N TRP B 130 -9.44 10.52 36.76
CA TRP B 130 -9.58 9.96 35.42
C TRP B 130 -9.18 10.93 34.28
N ARG B 131 -9.38 12.22 34.50
CA ARG B 131 -9.08 13.23 33.48
C ARG B 131 -7.61 13.66 33.42
N ARG B 132 -7.00 13.92 34.59
CA ARG B 132 -5.59 14.38 34.62
C ARG B 132 -4.54 13.30 34.94
N SER B 133 -4.97 12.09 35.29
CA SER B 133 -4.07 10.98 35.59
C SER B 133 -3.40 10.39 34.32
N TYR B 134 -2.25 9.75 34.50
CA TYR B 134 -1.53 9.14 33.37
C TYR B 134 -1.89 7.65 33.15
N ASP B 135 -1.97 6.91 34.26
CA ASP B 135 -2.20 5.47 34.23
C ASP B 135 -3.48 4.91 34.87
N ILE B 136 -4.41 5.76 35.30
CA ILE B 136 -5.65 5.28 35.91
C ILE B 136 -6.79 5.64 34.96
N PRO B 137 -7.35 4.63 34.28
CA PRO B 137 -8.38 4.88 33.28
C PRO B 137 -9.74 4.99 33.89
N PRO B 138 -10.67 5.62 33.17
CA PRO B 138 -12.02 5.77 33.64
C PRO B 138 -12.70 4.42 33.59
N PRO B 139 -13.85 4.31 34.25
CA PRO B 139 -14.52 3.02 34.29
C PRO B 139 -14.73 2.46 32.88
N PRO B 140 -14.43 1.18 32.70
CA PRO B 140 -14.58 0.53 31.41
C PRO B 140 -16.00 0.21 31.00
N LEU B 141 -16.22 0.20 29.70
CA LEU B 141 -17.50 -0.13 29.16
C LEU B 141 -17.57 -1.65 29.15
N GLU B 142 -18.77 -2.19 28.95
CA GLU B 142 -18.99 -3.64 28.74
C GLU B 142 -19.12 -3.83 27.23
N LYS B 143 -18.87 -5.03 26.75
CA LYS B 143 -19.02 -5.29 25.31
C LYS B 143 -20.45 -5.10 24.77
N SER B 144 -21.43 -5.13 25.69
CA SER B 144 -22.85 -4.94 25.38
C SER B 144 -23.23 -3.46 25.33
N ASP B 145 -22.27 -2.57 25.58
CA ASP B 145 -22.48 -1.12 25.49
C ASP B 145 -22.25 -0.63 24.05
N LYS B 146 -23.11 0.25 23.58
CA LYS B 146 -23.05 0.74 22.19
C LYS B 146 -21.88 1.68 21.91
N ARG B 147 -21.32 2.22 22.99
CA ARG B 147 -20.17 3.14 22.87
C ARG B 147 -18.86 2.37 22.63
N TRP B 148 -18.89 1.03 22.80
CA TRP B 148 -17.71 0.21 22.53
C TRP B 148 -17.50 0.15 21.00
N PRO B 149 -16.34 0.60 20.54
CA PRO B 149 -16.05 0.63 19.10
C PRO B 149 -16.22 -0.72 18.45
N GLY B 150 -16.04 -1.79 19.22
CA GLY B 150 -16.26 -3.14 18.69
C GLY B 150 -17.66 -3.35 18.13
N ASN B 151 -18.62 -2.51 18.52
CA ASN B 151 -20.00 -2.62 18.03
C ASN B 151 -20.27 -1.65 16.90
N ASP B 152 -19.25 -0.89 16.50
CA ASP B 152 -19.43 0.13 15.48
C ASP B 152 -18.85 -0.31 14.13
N ALA B 153 -19.68 -0.24 13.10
CA ALA B 153 -19.30 -0.64 11.72
C ALA B 153 -18.05 0.10 11.24
N VAL B 154 -17.81 1.30 11.75
CA VAL B 154 -16.62 2.08 11.36
C VAL B 154 -15.38 1.24 11.59
N TYR B 155 -15.41 0.36 12.59
CA TYR B 155 -14.23 -0.46 12.91
C TYR B 155 -14.37 -1.93 12.50
N LYS B 156 -15.23 -2.17 11.54
CA LYS B 156 -15.49 -3.49 10.97
C LYS B 156 -14.21 -4.23 10.58
N MET B 157 -13.27 -3.52 9.97
CA MET B 157 -12.01 -4.11 9.54
C MET B 157 -10.88 -4.13 10.59
N VAL B 158 -11.17 -3.76 11.82
CA VAL B 158 -10.22 -3.77 12.90
C VAL B 158 -10.62 -4.82 13.95
N PRO B 159 -9.70 -5.73 14.30
CA PRO B 159 -10.00 -6.76 15.27
C PRO B 159 -10.47 -6.13 16.55
N ASN B 160 -11.53 -6.71 17.11
CA ASN B 160 -12.12 -6.19 18.33
C ASN B 160 -11.19 -6.17 19.52
N GLU B 161 -10.28 -7.11 19.57
CA GLU B 161 -9.31 -7.17 20.65
C GLU B 161 -8.46 -5.89 20.75
N ALA B 162 -8.33 -5.17 19.64
CA ALA B 162 -7.56 -3.91 19.62
C ALA B 162 -8.36 -2.68 20.00
N LEU B 163 -9.67 -2.82 20.04
CA LEU B 163 -10.55 -1.69 20.31
C LEU B 163 -10.78 -1.58 21.80
N PRO B 164 -10.46 -0.41 22.38
CA PRO B 164 -10.55 -0.24 23.83
C PRO B 164 -11.91 -0.17 24.45
N LEU B 165 -11.97 -0.61 25.70
CA LEU B 165 -13.16 -0.51 26.51
C LEU B 165 -13.05 0.76 27.31
N THR B 166 -11.83 1.24 27.45
CA THR B 166 -11.52 2.45 28.17
C THR B 166 -10.01 2.67 27.97
N GLU B 167 -9.53 3.86 28.29
CA GLU B 167 -8.12 4.19 28.13
C GLU B 167 -7.64 5.27 29.07
N CYS B 168 -6.40 5.13 29.50
CA CYS B 168 -5.72 6.14 30.28
C CYS B 168 -4.75 6.67 29.24
N LEU B 169 -4.15 7.81 29.52
CA LEU B 169 -3.24 8.43 28.56
C LEU B 169 -2.16 7.42 28.18
N LYS B 170 -1.70 6.65 29.15
CA LYS B 170 -0.70 5.63 28.91
C LYS B 170 -1.10 4.70 27.77
N ASP B 171 -2.32 4.16 27.83
CA ASP B 171 -2.81 3.25 26.77
C ASP B 171 -2.84 3.93 25.42
N THR B 172 -3.23 5.21 25.42
CA THR B 172 -3.31 6.01 24.21
C THR B 172 -1.94 6.11 23.63
N VAL B 173 -0.97 6.39 24.48
CA VAL B 173 0.39 6.53 24.03
C VAL B 173 0.86 5.24 23.39
N GLU B 174 0.59 4.11 24.03
CA GLU B 174 1.05 2.81 23.51
C GLU B 174 0.38 2.43 22.21
N ARG B 175 -0.78 2.99 21.97
CA ARG B 175 -1.59 2.68 20.81
C ARG B 175 -1.18 3.56 19.62
N VAL B 176 -0.64 4.75 19.95
CA VAL B 176 -0.19 5.71 18.97
C VAL B 176 1.21 5.41 18.42
N LEU B 177 2.15 5.07 19.31
CA LEU B 177 3.52 4.84 18.91
C LEU B 177 3.72 3.93 17.71
N PRO B 178 3.04 2.79 17.69
CA PRO B 178 3.25 1.95 16.54
C PRO B 178 2.98 2.65 15.24
N PHE B 179 1.99 3.50 15.21
CA PHE B 179 1.66 4.19 13.96
C PHE B 179 2.77 5.20 13.64
N TRP B 180 3.34 5.79 14.68
CA TRP B 180 4.46 6.69 14.49
C TRP B 180 5.60 5.94 13.86
N PHE B 181 5.97 4.81 14.45
CA PHE B 181 7.11 4.05 13.94
C PHE B 181 6.88 3.36 12.58
N ASP B 182 5.66 2.93 12.31
CA ASP B 182 5.36 2.19 11.08
C ASP B 182 4.96 3.05 9.91
N HIS B 183 4.42 4.24 10.15
CA HIS B 183 4.03 5.10 9.03
C HIS B 183 4.52 6.53 9.02
N ILE B 184 4.27 7.25 10.10
CA ILE B 184 4.64 8.65 10.15
C ILE B 184 6.14 8.85 10.04
N ALA B 185 6.88 8.23 10.93
CA ALA B 185 8.34 8.43 10.95
C ALA B 185 9.00 8.01 9.64
N PRO B 186 8.68 6.82 9.15
CA PRO B 186 9.28 6.45 7.88
C PRO B 186 9.04 7.48 6.78
N SER B 187 7.87 8.12 6.75
CA SER B 187 7.60 9.15 5.74
C SER B 187 8.55 10.31 5.92
N ILE B 188 8.78 10.70 7.16
CA ILE B 188 9.69 11.79 7.44
C ILE B 188 11.09 11.40 6.95
N MET B 189 11.51 10.17 7.27
CA MET B 189 12.80 9.67 6.85
C MET B 189 12.92 9.60 5.32
N GLU B 190 11.84 9.27 4.62
CA GLU B 190 11.87 9.21 3.15
C GLU B 190 12.02 10.60 2.53
N GLY B 191 11.98 11.64 3.36
CA GLY B 191 12.10 13.01 2.86
C GLY B 191 10.76 13.73 2.65
N LYS B 192 9.67 13.13 3.07
CA LYS B 192 8.38 13.74 2.89
C LYS B 192 8.01 14.74 3.97
N ARG B 193 7.37 15.81 3.53
CA ARG B 193 6.89 16.88 4.40
C ARG B 193 5.53 16.38 4.88
N VAL B 194 5.47 16.04 6.14
CA VAL B 194 4.29 15.46 6.74
C VAL B 194 3.40 16.38 7.57
N LEU B 195 2.10 16.12 7.48
CA LEU B 195 1.08 16.82 8.25
C LEU B 195 0.35 15.78 9.08
N VAL B 196 0.11 16.06 10.36
CA VAL B 196 -0.64 15.16 11.20
C VAL B 196 -1.80 15.92 11.83
N ALA B 197 -3.03 15.51 11.51
CA ALA B 197 -4.23 16.16 12.04
C ALA B 197 -4.87 15.13 12.97
N ALA B 198 -4.88 15.43 14.26
CA ALA B 198 -5.40 14.50 15.23
C ALA B 198 -6.01 15.22 16.41
N HIS B 199 -5.89 14.63 17.60
CA HIS B 199 -6.54 15.15 18.81
C HIS B 199 -5.57 15.46 19.93
N GLY B 200 -6.09 16.06 20.99
CA GLY B 200 -5.31 16.44 22.15
C GLY B 200 -4.48 15.32 22.74
N ASN B 201 -5.08 14.22 23.14
CA ASN B 201 -4.29 13.11 23.74
C ASN B 201 -3.44 12.32 22.82
N SER B 202 -3.91 12.11 21.57
CA SER B 202 -3.10 11.37 20.62
C SER B 202 -1.87 12.21 20.30
N LEU B 203 -2.01 13.54 20.19
CA LEU B 203 -0.84 14.39 19.88
C LEU B 203 0.07 14.46 21.09
N ARG B 204 -0.50 14.47 22.30
CA ARG B 204 0.34 14.46 23.51
C ARG B 204 1.20 13.19 23.51
N GLY B 205 0.66 12.11 22.96
CA GLY B 205 1.38 10.87 22.81
C GLY B 205 2.61 11.07 21.96
N LEU B 206 2.45 11.68 20.79
CA LEU B 206 3.59 11.90 19.90
C LEU B 206 4.60 12.81 20.51
N VAL B 207 4.11 13.88 21.13
CA VAL B 207 4.99 14.86 21.71
C VAL B 207 5.77 14.27 22.88
N LYS B 208 5.10 13.44 23.67
CA LYS B 208 5.74 12.79 24.80
C LYS B 208 6.95 12.00 24.33
N HIS B 209 6.80 11.34 23.19
CA HIS B 209 7.87 10.54 22.60
C HIS B 209 8.92 11.41 21.98
N LEU B 210 8.49 12.38 21.17
CA LEU B 210 9.42 13.27 20.48
C LEU B 210 10.32 13.98 21.42
N ASP B 211 9.75 14.60 22.44
CA ASP B 211 10.52 15.35 23.44
C ASP B 211 10.95 14.52 24.64
N LYS B 212 10.80 13.20 24.58
CA LYS B 212 11.15 12.32 25.74
C LYS B 212 10.65 12.85 27.06
N MET B 213 9.39 13.24 27.13
CA MET B 213 8.82 13.76 28.34
C MET B 213 8.55 12.62 29.30
N SER B 214 8.61 12.92 30.58
CA SER B 214 8.35 11.92 31.60
C SER B 214 6.84 11.76 31.74
N ASP B 215 6.45 10.66 32.37
CA ASP B 215 5.04 10.37 32.63
C ASP B 215 4.42 11.53 33.40
N GLU B 216 5.16 12.12 34.33
CA GLU B 216 4.66 13.23 35.11
C GLU B 216 4.57 14.56 34.35
N ALA B 217 5.56 14.81 33.50
CA ALA B 217 5.59 16.06 32.73
C ALA B 217 4.49 16.20 31.68
N VAL B 218 4.11 15.12 30.97
CA VAL B 218 3.04 15.25 29.95
C VAL B 218 1.70 15.66 30.53
N LEU B 219 1.53 15.49 31.84
CA LEU B 219 0.27 15.88 32.46
C LEU B 219 0.08 17.38 32.41
N GLU B 220 1.18 18.12 32.35
CA GLU B 220 1.13 19.58 32.28
C GLU B 220 1.11 20.08 30.83
N LEU B 221 1.40 19.20 29.88
CA LEU B 221 1.41 19.58 28.45
C LEU B 221 0.02 19.86 27.95
N ASN B 222 -0.17 21.05 27.41
CA ASN B 222 -1.40 21.52 26.87
C ASN B 222 -1.18 21.94 25.42
N ILE B 223 -1.86 21.27 24.51
CA ILE B 223 -1.76 21.60 23.12
C ILE B 223 -2.99 22.41 22.71
N PRO B 224 -2.77 23.66 22.26
CA PRO B 224 -3.89 24.50 21.87
C PRO B 224 -4.53 23.99 20.59
N THR B 225 -5.82 24.25 20.48
CA THR B 225 -6.59 23.83 19.35
C THR B 225 -6.43 24.75 18.15
N GLY B 226 -6.45 24.16 16.96
CA GLY B 226 -6.38 24.92 15.70
C GLY B 226 -5.14 25.73 15.43
N VAL B 227 -4.03 25.38 16.07
CA VAL B 227 -2.79 26.12 15.89
C VAL B 227 -1.73 25.16 15.41
N PRO B 228 -1.18 25.41 14.21
CA PRO B 228 -0.14 24.48 13.75
C PRO B 228 1.05 24.47 14.70
N LEU B 229 1.55 23.28 14.99
CA LEU B 229 2.69 23.04 15.85
C LEU B 229 3.74 22.48 14.95
N VAL B 230 4.87 23.18 14.82
CA VAL B 230 5.91 22.79 13.89
C VAL B 230 7.11 22.24 14.60
N TYR B 231 7.54 21.06 14.17
CA TYR B 231 8.70 20.38 14.73
C TYR B 231 9.85 20.33 13.75
N GLU B 232 10.98 20.86 14.17
CA GLU B 232 12.19 20.84 13.37
C GLU B 232 12.98 19.68 13.96
N LEU B 233 13.17 18.64 13.18
CA LEU B 233 13.84 17.44 13.66
C LEU B 233 15.14 17.23 12.98
N ASP B 234 16.09 16.62 13.68
CA ASP B 234 17.37 16.32 13.10
C ASP B 234 17.34 15.02 12.29
N GLU B 235 18.46 14.70 11.69
CA GLU B 235 18.66 13.51 10.87
C GLU B 235 18.13 12.21 11.54
N ASP B 236 18.22 12.13 12.86
CA ASP B 236 17.77 10.96 13.66
C ASP B 236 16.38 11.16 14.28
N LEU B 237 15.62 12.11 13.74
CA LEU B 237 14.27 12.41 14.20
C LEU B 237 14.15 13.00 15.59
N GLN B 238 15.24 13.54 16.13
CA GLN B 238 15.19 14.15 17.44
C GLN B 238 14.90 15.65 17.27
N PRO B 239 14.01 16.19 18.09
CA PRO B 239 13.69 17.60 18.00
C PRO B 239 14.84 18.53 18.22
N VAL B 240 15.00 19.47 17.31
CA VAL B 240 15.98 20.51 17.44
C VAL B 240 15.25 21.68 18.12
N ARG B 241 13.99 21.90 17.75
CA ARG B 241 13.15 22.92 18.36
C ARG B 241 11.69 22.74 17.86
N HIS B 242 10.73 23.40 18.52
CA HIS B 242 9.35 23.39 18.06
C HIS B 242 8.71 24.74 18.31
N TYR B 243 7.65 25.03 17.60
CA TYR B 243 6.98 26.31 17.74
C TYR B 243 5.60 26.27 17.09
N TYR B 244 4.75 27.20 17.52
CA TYR B 244 3.43 27.34 16.99
C TYR B 244 3.37 28.49 16.00
N LEU B 245 2.53 28.38 14.96
CA LEU B 245 2.39 29.49 14.02
C LEU B 245 1.41 30.50 14.51
N LEU B 246 1.87 31.31 15.45
CA LEU B 246 1.07 32.35 16.03
C LEU B 246 1.99 33.29 16.86
N ASP B 247 1.72 34.59 16.87
CA ASP B 247 2.51 35.55 17.68
C ASP B 247 2.33 35.22 19.14
N GLU B 248 3.23 35.67 20.02
CA GLU B 248 3.10 35.40 21.46
C GLU B 248 1.77 35.90 22.05
N ALA B 249 1.16 36.91 21.43
CA ALA B 249 -0.10 37.48 21.90
C ALA B 249 -1.25 36.50 21.67
N GLU B 250 -1.47 36.14 20.41
CA GLU B 250 -2.54 35.23 20.04
C GLU B 250 -2.34 33.85 20.67
N LEU B 251 -1.07 33.44 20.80
CA LEU B 251 -0.72 32.15 21.40
C LEU B 251 -0.97 32.09 22.90
N LYS B 252 -0.71 33.18 23.60
CA LYS B 252 -0.95 33.26 25.03
C LYS B 252 -2.46 33.04 25.31
N ALA B 253 -3.32 33.65 24.49
CA ALA B 253 -4.78 33.53 24.62
C ALA B 253 -5.29 32.09 24.28
N LYS B 254 -4.62 31.43 23.34
CA LYS B 254 -4.98 30.04 22.95
C LYS B 254 -4.58 29.02 24.02
N MET B 255 -3.47 29.28 24.70
CA MET B 255 -3.01 28.38 25.77
C MET B 255 -3.89 28.51 27.01
N GLU B 256 -4.40 29.71 27.27
CA GLU B 256 -5.32 29.94 28.38
C GLU B 256 -6.66 29.26 28.10
N ALA B 257 -7.07 29.25 26.82
CA ALA B 257 -8.33 28.62 26.44
C ALA B 257 -8.26 27.15 26.80
N VAL B 258 -7.14 26.53 26.44
CA VAL B 258 -6.91 25.12 26.69
C VAL B 258 -6.36 24.83 28.10
N ALA B 259 -6.66 25.70 29.07
CA ALA B 259 -6.17 25.49 30.45
C ALA B 259 -7.31 25.67 31.45
N ALA C 15 25.26 13.04 -20.56
CA ALA C 15 24.76 12.88 -19.16
C ALA C 15 25.64 11.91 -18.39
N LYS C 16 25.23 11.61 -17.17
CA LYS C 16 25.94 10.68 -16.32
C LYS C 16 24.92 9.91 -15.55
N ALA C 17 25.34 8.76 -15.05
CA ALA C 17 24.48 7.92 -14.27
C ALA C 17 24.12 8.60 -12.97
N LYS C 18 22.85 8.48 -12.65
CA LYS C 18 22.31 8.95 -11.41
C LYS C 18 21.73 7.68 -10.77
N TYR C 19 21.03 6.87 -11.58
CA TYR C 19 20.40 5.62 -11.10
C TYR C 19 20.89 4.35 -11.80
N THR C 20 20.80 3.23 -11.09
CA THR C 20 21.20 1.94 -11.57
C THR C 20 20.05 0.94 -11.41
N LEU C 21 19.69 0.29 -12.51
CA LEU C 21 18.60 -0.68 -12.55
C LEU C 21 19.15 -1.99 -13.06
N VAL C 22 18.76 -3.09 -12.43
CA VAL C 22 19.25 -4.38 -12.85
C VAL C 22 18.11 -5.26 -13.30
N LEU C 23 18.21 -5.82 -14.48
CA LEU C 23 17.17 -6.69 -15.02
C LEU C 23 17.73 -8.06 -15.20
N ILE C 24 16.92 -9.08 -14.96
CA ILE C 24 17.40 -10.42 -15.18
C ILE C 24 16.28 -11.32 -15.68
N ARG C 25 16.64 -12.10 -16.69
CA ARG C 25 15.75 -13.08 -17.28
C ARG C 25 16.06 -14.42 -16.64
N HIS C 26 15.03 -15.15 -16.23
CA HIS C 26 15.23 -16.45 -15.57
C HIS C 26 15.90 -17.43 -16.51
N GLY C 27 16.56 -18.41 -15.93
CA GLY C 27 17.24 -19.44 -16.69
C GLY C 27 16.28 -20.49 -17.20
N GLU C 28 16.83 -21.49 -17.89
CA GLU C 28 16.04 -22.59 -18.45
C GLU C 28 15.01 -23.22 -17.51
N SER C 29 13.84 -23.48 -18.06
CA SER C 29 12.78 -24.16 -17.35
C SER C 29 12.70 -25.59 -17.86
N THR C 30 11.91 -26.40 -17.19
CA THR C 30 11.76 -27.81 -17.57
C THR C 30 11.23 -27.92 -19.00
N TRP C 31 10.27 -27.07 -19.34
CA TRP C 31 9.67 -27.06 -20.68
C TRP C 31 10.57 -26.52 -21.78
N ASN C 32 11.57 -25.69 -21.43
CA ASN C 32 12.54 -25.23 -22.44
C ASN C 32 13.32 -26.45 -22.92
N LYS C 33 13.65 -27.35 -22.00
CA LYS C 33 14.34 -28.58 -22.33
C LYS C 33 13.42 -29.56 -23.05
N GLU C 34 12.16 -29.58 -22.63
CA GLU C 34 11.18 -30.50 -23.20
C GLU C 34 10.66 -29.93 -24.54
N ASN C 35 11.23 -28.80 -24.96
CA ASN C 35 10.88 -28.17 -26.22
C ASN C 35 9.36 -27.96 -26.32
N ARG C 36 8.83 -27.18 -25.39
CA ARG C 36 7.39 -26.93 -25.31
C ARG C 36 7.07 -25.49 -25.00
N PHE C 37 6.07 -24.92 -25.69
CA PHE C 37 5.64 -23.54 -25.45
C PHE C 37 5.13 -23.40 -24.03
N THR C 38 5.65 -22.43 -23.28
CA THR C 38 5.22 -22.26 -21.90
C THR C 38 4.21 -21.13 -21.71
N GLY C 39 4.61 -19.89 -22.01
CA GLY C 39 3.73 -18.76 -21.78
C GLY C 39 3.41 -18.64 -20.29
N TRP C 40 2.13 -18.57 -19.96
CA TRP C 40 1.73 -18.44 -18.55
C TRP C 40 1.70 -19.77 -17.81
N THR C 41 2.10 -20.85 -18.46
CA THR C 41 2.13 -22.13 -17.76
C THR C 41 3.15 -21.95 -16.64
N ASP C 42 2.75 -22.23 -15.41
CA ASP C 42 3.63 -22.03 -14.25
C ASP C 42 4.59 -23.18 -13.99
N VAL C 43 5.50 -23.44 -14.95
CA VAL C 43 6.46 -24.55 -14.81
C VAL C 43 7.70 -24.11 -14.05
N PRO C 44 8.38 -25.05 -13.38
CA PRO C 44 9.58 -24.72 -12.61
C PRO C 44 10.86 -24.65 -13.42
N LEU C 45 11.91 -24.12 -12.79
CA LEU C 45 13.22 -24.03 -13.42
C LEU C 45 13.84 -25.39 -13.44
N SER C 46 14.74 -25.63 -14.40
CA SER C 46 15.43 -26.91 -14.46
C SER C 46 16.59 -26.74 -13.48
N PRO C 47 17.34 -27.81 -13.20
CA PRO C 47 18.49 -27.61 -12.32
C PRO C 47 19.47 -26.58 -12.92
N VAL C 48 19.62 -26.59 -14.24
CA VAL C 48 20.51 -25.65 -14.93
C VAL C 48 20.00 -24.21 -14.77
N GLY C 49 18.68 -24.05 -14.82
CA GLY C 49 18.07 -22.73 -14.62
C GLY C 49 18.35 -22.20 -13.21
N GLU C 50 18.27 -23.09 -12.21
CA GLU C 50 18.52 -22.70 -10.82
C GLU C 50 19.96 -22.22 -10.65
N GLN C 51 20.89 -22.86 -11.34
CA GLN C 51 22.29 -22.49 -11.24
C GLN C 51 22.65 -21.20 -11.98
N GLU C 52 21.96 -20.89 -13.08
CA GLU C 52 22.25 -19.63 -13.80
C GLU C 52 22.01 -18.48 -12.85
N ALA C 53 20.98 -18.60 -12.03
CA ALA C 53 20.66 -17.54 -11.07
C ALA C 53 21.73 -17.42 -9.99
N VAL C 54 22.29 -18.56 -9.58
CA VAL C 54 23.34 -18.57 -8.56
C VAL C 54 24.58 -17.85 -9.11
N GLU C 55 24.88 -18.08 -10.40
CA GLU C 55 26.02 -17.46 -11.07
C GLU C 55 25.83 -15.96 -11.24
N ALA C 56 24.61 -15.56 -11.60
CA ALA C 56 24.29 -14.15 -11.77
C ALA C 56 24.40 -13.45 -10.41
N ALA C 57 23.97 -14.13 -9.34
CA ALA C 57 24.08 -13.56 -7.99
C ALA C 57 25.53 -13.29 -7.62
N LYS C 58 26.41 -14.25 -7.91
CA LYS C 58 27.83 -14.06 -7.58
C LYS C 58 28.40 -12.85 -8.30
N ALA C 59 28.08 -12.70 -9.59
CA ALA C 59 28.60 -11.58 -10.37
C ALA C 59 28.14 -10.26 -9.77
N LEU C 60 26.88 -10.19 -9.37
CA LEU C 60 26.34 -8.99 -8.71
C LEU C 60 27.01 -8.75 -7.34
N LYS C 61 27.23 -9.83 -6.61
CA LYS C 61 27.91 -9.76 -5.34
C LYS C 61 29.31 -9.19 -5.54
N GLU C 62 30.08 -9.79 -6.46
CA GLU C 62 31.46 -9.35 -6.75
C GLU C 62 31.59 -7.87 -7.13
N LYS C 63 30.73 -7.39 -8.01
CA LYS C 63 30.82 -6.01 -8.42
C LYS C 63 30.12 -5.08 -7.44
N GLY C 64 29.74 -5.58 -6.26
CA GLY C 64 29.19 -4.70 -5.23
C GLY C 64 27.77 -4.16 -5.33
N PHE C 65 26.94 -4.79 -6.16
CA PHE C 65 25.57 -4.40 -6.30
C PHE C 65 24.72 -4.75 -5.09
N GLU C 66 23.87 -3.80 -4.69
CA GLU C 66 22.96 -3.99 -3.58
C GLU C 66 21.59 -3.51 -4.05
N PHE C 67 20.53 -4.05 -3.47
CA PHE C 67 19.17 -3.69 -3.85
C PHE C 67 18.30 -3.29 -2.67
N ASP C 68 17.30 -2.47 -2.94
CA ASP C 68 16.37 -1.99 -1.94
C ASP C 68 14.95 -2.56 -2.11
N VAL C 69 14.62 -3.04 -3.30
CA VAL C 69 13.31 -3.62 -3.59
C VAL C 69 13.47 -4.46 -4.84
N ALA C 70 12.64 -5.47 -4.98
CA ALA C 70 12.70 -6.34 -6.15
C ALA C 70 11.32 -6.56 -6.74
N TYR C 71 11.23 -6.57 -8.06
CA TYR C 71 9.97 -6.77 -8.75
C TYR C 71 10.09 -8.05 -9.55
N THR C 72 8.97 -8.79 -9.60
CA THR C 72 8.92 -10.08 -10.25
C THR C 72 7.59 -10.33 -10.87
N SER C 73 7.51 -11.33 -11.74
CA SER C 73 6.23 -11.72 -12.26
C SER C 73 5.66 -12.66 -11.16
N VAL C 74 4.52 -13.31 -11.41
CA VAL C 74 3.94 -14.25 -10.45
C VAL C 74 4.19 -15.69 -10.86
N LEU C 75 5.08 -15.89 -11.84
CA LEU C 75 5.41 -17.22 -12.31
C LEU C 75 6.64 -17.74 -11.53
N GLN C 76 6.49 -18.93 -10.97
CA GLN C 76 7.53 -19.59 -10.16
C GLN C 76 8.95 -19.37 -10.67
N ARG C 77 9.15 -19.65 -11.95
CA ARG C 77 10.48 -19.46 -12.57
C ARG C 77 11.19 -18.18 -12.28
N ALA C 78 10.43 -17.10 -12.34
CA ALA C 78 10.97 -15.79 -12.16
C ALA C 78 11.09 -15.52 -10.68
N VAL C 79 10.06 -15.92 -9.93
CA VAL C 79 10.06 -15.72 -8.48
C VAL C 79 11.28 -16.38 -7.85
N VAL C 80 11.55 -17.64 -8.20
CA VAL C 80 12.69 -18.34 -7.65
C VAL C 80 14.01 -17.75 -8.12
N THR C 81 14.06 -17.26 -9.34
CA THR C 81 15.27 -16.64 -9.83
C THR C 81 15.57 -15.45 -8.93
N CYS C 82 14.55 -14.65 -8.64
CA CYS C 82 14.68 -13.49 -7.78
C CYS C 82 15.16 -13.90 -6.39
N TRP C 83 14.52 -14.88 -5.76
CA TRP C 83 14.94 -15.29 -4.44
C TRP C 83 16.40 -15.71 -4.41
N THR C 84 16.80 -16.45 -5.44
CA THR C 84 18.18 -16.92 -5.52
C THR C 84 19.14 -15.73 -5.58
N VAL C 85 18.82 -14.73 -6.38
CA VAL C 85 19.69 -13.56 -6.51
C VAL C 85 19.76 -12.78 -5.19
N LEU C 86 18.66 -12.69 -4.47
CA LEU C 86 18.67 -11.96 -3.21
C LEU C 86 19.49 -12.71 -2.18
N LYS C 87 19.37 -14.03 -2.22
CA LYS C 87 20.10 -14.89 -1.31
C LYS C 87 21.61 -14.72 -1.54
N GLY C 88 22.02 -14.79 -2.80
CA GLY C 88 23.43 -14.67 -3.15
C GLY C 88 24.04 -13.29 -3.02
N THR C 89 23.21 -12.29 -2.83
CA THR C 89 23.66 -10.93 -2.69
C THR C 89 23.46 -10.41 -1.25
N ASP C 90 22.94 -11.26 -0.37
CA ASP C 90 22.65 -10.88 1.03
C ASP C 90 21.60 -9.76 1.13
N MET C 91 20.58 -9.87 0.28
CA MET C 91 19.50 -8.92 0.18
C MET C 91 18.13 -9.56 0.45
N CYS C 92 18.10 -10.58 1.31
CA CYS C 92 16.84 -11.27 1.66
C CYS C 92 15.87 -10.42 2.48
N HIS C 93 16.35 -9.32 3.04
CA HIS C 93 15.50 -8.43 3.84
C HIS C 93 14.61 -7.50 3.01
N ILE C 94 14.80 -7.43 1.68
CA ILE C 94 14.05 -6.44 0.93
C ILE C 94 12.67 -6.90 0.49
N PRO C 95 11.76 -5.93 0.35
CA PRO C 95 10.43 -6.24 -0.16
C PRO C 95 10.49 -6.73 -1.60
N VAL C 96 9.64 -7.70 -1.91
CA VAL C 96 9.54 -8.26 -3.22
C VAL C 96 8.13 -8.09 -3.71
N LYS C 97 7.95 -7.44 -4.85
CA LYS C 97 6.60 -7.24 -5.36
C LYS C 97 6.38 -7.97 -6.67
N SER C 98 5.37 -8.82 -6.70
CA SER C 98 5.02 -9.60 -7.87
C SER C 98 3.80 -9.03 -8.57
N SER C 99 3.72 -9.27 -9.87
CA SER C 99 2.59 -8.82 -10.63
C SER C 99 2.48 -9.60 -11.89
N TRP C 100 1.25 -9.96 -12.21
CA TRP C 100 0.97 -10.64 -13.44
C TRP C 100 1.44 -9.80 -14.62
N ARG C 101 1.62 -8.50 -14.42
CA ARG C 101 2.03 -7.62 -15.53
C ARG C 101 3.42 -7.90 -16.04
N LEU C 102 4.23 -8.58 -15.24
CA LEU C 102 5.57 -8.95 -15.64
C LEU C 102 5.62 -10.40 -16.16
N ASN C 103 4.48 -11.06 -16.26
CA ASN C 103 4.45 -12.43 -16.80
C ASN C 103 4.95 -12.52 -18.22
N GLU C 104 5.40 -13.73 -18.57
CA GLU C 104 5.84 -14.03 -19.92
C GLU C 104 4.66 -13.79 -20.81
N ARG C 105 4.94 -13.66 -22.10
CA ARG C 105 3.91 -13.50 -23.09
C ARG C 105 3.05 -14.75 -23.06
N HIS C 106 1.73 -14.59 -23.13
CA HIS C 106 0.82 -15.74 -23.16
C HIS C 106 0.77 -16.32 -24.61
N TYR C 107 1.01 -17.63 -24.75
CA TYR C 107 1.03 -18.29 -26.07
C TYR C 107 -0.28 -18.90 -26.57
N GLY C 108 -1.38 -18.49 -25.97
CA GLY C 108 -2.69 -18.96 -26.38
C GLY C 108 -2.82 -20.46 -26.52
N ALA C 109 -3.48 -20.87 -27.61
CA ALA C 109 -3.73 -22.31 -27.92
C ALA C 109 -2.47 -23.16 -28.11
N LEU C 110 -1.31 -22.52 -28.21
CA LEU C 110 -0.05 -23.25 -28.34
C LEU C 110 0.55 -23.70 -26.99
N GLN C 111 0.12 -23.11 -25.88
CA GLN C 111 0.68 -23.47 -24.58
C GLN C 111 0.54 -24.94 -24.23
N GLY C 112 1.66 -25.57 -23.89
CA GLY C 112 1.69 -26.98 -23.53
C GLY C 112 2.01 -27.91 -24.69
N LEU C 113 1.99 -27.39 -25.90
CA LEU C 113 2.28 -28.21 -27.05
C LEU C 113 3.76 -28.19 -27.40
N ASN C 114 4.23 -29.34 -27.90
CA ASN C 114 5.59 -29.52 -28.35
C ASN C 114 5.74 -28.70 -29.64
N LYS C 115 6.93 -28.11 -29.83
CA LYS C 115 7.15 -27.22 -30.97
C LYS C 115 7.21 -27.94 -32.29
N ALA C 116 7.79 -29.15 -32.29
CA ALA C 116 7.89 -29.93 -33.51
C ALA C 116 6.50 -30.35 -33.96
N GLU C 117 5.71 -30.90 -33.03
CA GLU C 117 4.34 -31.32 -33.35
C GLU C 117 3.44 -30.16 -33.80
N THR C 118 3.70 -28.93 -33.32
CA THR C 118 2.90 -27.75 -33.78
C THR C 118 3.47 -27.28 -35.12
N ALA C 119 4.80 -27.36 -35.28
CA ALA C 119 5.45 -26.98 -36.52
C ALA C 119 4.99 -27.89 -37.66
N ALA C 120 4.91 -29.19 -37.40
CA ALA C 120 4.47 -30.17 -38.41
C ALA C 120 2.97 -30.01 -38.72
N LYS C 121 2.20 -29.63 -37.70
CA LYS C 121 0.76 -29.42 -37.80
C LYS C 121 0.42 -28.15 -38.59
N HIS C 122 0.96 -27.03 -38.12
CA HIS C 122 0.68 -25.70 -38.71
C HIS C 122 1.68 -25.17 -39.75
N GLY C 123 2.90 -25.69 -39.75
CA GLY C 123 3.93 -25.23 -40.68
C GLY C 123 5.05 -24.45 -40.00
N ASP C 124 6.26 -24.54 -40.55
CA ASP C 124 7.45 -23.87 -40.01
C ASP C 124 7.34 -22.35 -40.12
N GLU C 125 6.72 -21.86 -41.17
CA GLU C 125 6.59 -20.43 -41.36
C GLU C 125 5.65 -19.78 -40.36
N GLN C 126 4.47 -20.34 -40.24
CA GLN C 126 3.44 -19.82 -39.37
C GLN C 126 3.86 -19.73 -37.90
N VAL C 127 4.64 -20.69 -37.42
CA VAL C 127 5.08 -20.66 -36.01
C VAL C 127 6.17 -19.63 -35.81
N LYS C 128 7.03 -19.47 -36.81
CA LYS C 128 8.09 -18.48 -36.75
C LYS C 128 7.42 -17.11 -36.63
N ILE C 129 6.29 -16.94 -37.32
CA ILE C 129 5.54 -15.69 -37.27
C ILE C 129 4.97 -15.51 -35.87
N TRP C 130 4.27 -16.51 -35.38
CA TRP C 130 3.71 -16.43 -34.04
C TRP C 130 4.77 -16.25 -32.94
N ARG C 131 5.97 -16.78 -33.15
CA ARG C 131 7.05 -16.68 -32.15
C ARG C 131 7.80 -15.34 -32.16
N ARG C 132 8.17 -14.84 -33.35
CA ARG C 132 8.98 -13.60 -33.46
C ARG C 132 8.30 -12.38 -34.12
N SER C 133 6.99 -12.47 -34.35
CA SER C 133 6.20 -11.34 -34.88
C SER C 133 5.95 -10.35 -33.77
N TYR C 134 5.60 -9.11 -34.14
CA TYR C 134 5.29 -8.09 -33.14
C TYR C 134 3.80 -8.01 -32.81
N ASP C 135 2.96 -8.02 -33.86
CA ASP C 135 1.51 -7.83 -33.71
C ASP C 135 0.59 -8.97 -34.14
N ILE C 136 1.12 -10.15 -34.44
CA ILE C 136 0.29 -11.28 -34.85
C ILE C 136 0.37 -12.37 -33.77
N PRO C 137 -0.70 -12.50 -32.97
CA PRO C 137 -0.72 -13.46 -31.89
C PRO C 137 -1.09 -14.86 -32.34
N PRO C 138 -0.76 -15.86 -31.53
CA PRO C 138 -1.11 -17.23 -31.84
C PRO C 138 -2.58 -17.45 -31.63
N PRO C 139 -3.12 -18.59 -32.11
CA PRO C 139 -4.54 -18.85 -31.97
C PRO C 139 -5.00 -18.73 -30.50
N PRO C 140 -6.15 -18.09 -30.30
CA PRO C 140 -6.65 -17.85 -28.96
C PRO C 140 -7.34 -19.02 -28.32
N LEU C 141 -7.30 -19.06 -27.00
CA LEU C 141 -7.98 -20.08 -26.24
C LEU C 141 -9.43 -19.66 -26.16
N GLU C 142 -10.29 -20.57 -25.71
CA GLU C 142 -11.71 -20.30 -25.45
C GLU C 142 -11.81 -20.14 -23.93
N LYS C 143 -12.82 -19.41 -23.44
CA LYS C 143 -12.97 -19.22 -22.00
C LYS C 143 -13.20 -20.52 -21.22
N SER C 144 -13.62 -21.55 -21.94
CA SER C 144 -13.85 -22.86 -21.33
C SER C 144 -12.55 -23.63 -21.06
N ASP C 145 -11.47 -23.21 -21.72
CA ASP C 145 -10.18 -23.90 -21.64
C ASP C 145 -9.50 -23.63 -20.32
N LYS C 146 -8.88 -24.66 -19.73
CA LYS C 146 -8.22 -24.52 -18.42
C LYS C 146 -6.94 -23.75 -18.45
N ARG C 147 -6.36 -23.60 -19.63
CA ARG C 147 -5.14 -22.82 -19.77
C ARG C 147 -5.42 -21.31 -19.69
N TRP C 148 -6.71 -20.91 -19.79
CA TRP C 148 -7.07 -19.49 -19.69
C TRP C 148 -6.92 -19.06 -18.23
N PRO C 149 -6.05 -18.08 -17.98
CA PRO C 149 -5.83 -17.62 -16.62
C PRO C 149 -7.12 -17.27 -15.89
N GLY C 150 -8.15 -16.86 -16.62
CA GLY C 150 -9.43 -16.54 -16.01
C GLY C 150 -10.03 -17.70 -15.22
N ASN C 151 -9.62 -18.93 -15.51
CA ASN C 151 -10.10 -20.10 -14.79
C ASN C 151 -9.12 -20.57 -13.70
N ASP C 152 -8.03 -19.84 -13.53
CA ASP C 152 -7.01 -20.23 -12.57
C ASP C 152 -7.11 -19.39 -11.29
N ALA C 153 -7.17 -20.08 -10.15
CA ALA C 153 -7.29 -19.44 -8.84
C ALA C 153 -6.15 -18.46 -8.57
N VAL C 154 -5.00 -18.68 -9.20
CA VAL C 154 -3.86 -17.76 -9.06
C VAL C 154 -4.28 -16.33 -9.41
N TYR C 155 -5.21 -16.19 -10.34
CA TYR C 155 -5.64 -14.87 -10.78
C TYR C 155 -7.04 -14.51 -10.33
N LYS C 156 -7.50 -15.14 -9.25
CA LYS C 156 -8.85 -14.86 -8.73
C LYS C 156 -9.08 -13.38 -8.44
N MET C 157 -8.05 -12.66 -7.96
CA MET C 157 -8.18 -11.22 -7.63
C MET C 157 -7.91 -10.27 -8.79
N VAL C 158 -7.77 -10.80 -9.99
CA VAL C 158 -7.54 -10.00 -11.16
C VAL C 158 -8.73 -10.14 -12.09
N PRO C 159 -9.35 -9.01 -12.50
CA PRO C 159 -10.48 -9.05 -13.39
C PRO C 159 -10.17 -9.85 -14.64
N ASN C 160 -11.09 -10.68 -15.03
CA ASN C 160 -10.92 -11.57 -16.18
C ASN C 160 -10.67 -10.86 -17.50
N GLU C 161 -11.22 -9.67 -17.65
CA GLU C 161 -11.04 -8.87 -18.86
C GLU C 161 -9.56 -8.57 -19.12
N ALA C 162 -8.77 -8.53 -18.05
CA ALA C 162 -7.34 -8.23 -18.17
C ALA C 162 -6.49 -9.45 -18.48
N LEU C 163 -7.07 -10.64 -18.36
CA LEU C 163 -6.34 -11.88 -18.54
C LEU C 163 -6.47 -12.37 -19.95
N PRO C 164 -5.34 -12.52 -20.63
CA PRO C 164 -5.35 -12.84 -22.04
C PRO C 164 -5.75 -14.22 -22.46
N LEU C 165 -6.34 -14.28 -23.65
CA LEU C 165 -6.69 -15.54 -24.28
C LEU C 165 -5.51 -15.96 -25.13
N THR C 166 -4.69 -14.97 -25.47
CA THR C 166 -3.50 -15.13 -26.31
C THR C 166 -2.84 -13.77 -26.35
N GLU C 167 -1.59 -13.70 -26.79
CA GLU C 167 -0.87 -12.42 -26.87
C GLU C 167 0.23 -12.40 -27.90
N CYS C 168 0.44 -11.21 -28.47
CA CYS C 168 1.54 -10.96 -29.38
C CYS C 168 2.45 -10.08 -28.52
N LEU C 169 3.65 -9.84 -28.97
CA LEU C 169 4.58 -9.03 -28.19
C LEU C 169 3.97 -7.66 -27.89
N LYS C 170 3.26 -7.10 -28.86
CA LYS C 170 2.64 -5.82 -28.69
C LYS C 170 1.75 -5.79 -27.44
N ASP C 171 0.90 -6.81 -27.28
CA ASP C 171 0.02 -6.88 -26.13
C ASP C 171 0.81 -6.93 -24.83
N THR C 172 1.89 -7.69 -24.86
CA THR C 172 2.76 -7.87 -23.73
C THR C 172 3.36 -6.53 -23.34
N VAL C 173 3.85 -5.79 -24.33
CA VAL C 173 4.40 -4.49 -24.07
C VAL C 173 3.38 -3.56 -23.43
N GLU C 174 2.16 -3.53 -23.96
CA GLU C 174 1.11 -2.64 -23.40
C GLU C 174 0.69 -3.01 -21.99
N ARG C 175 0.90 -4.26 -21.64
CA ARG C 175 0.49 -4.81 -20.36
C ARG C 175 1.57 -4.57 -19.29
N VAL C 176 2.80 -4.44 -19.77
CA VAL C 176 3.96 -4.21 -18.93
C VAL C 176 4.17 -2.73 -18.55
N LEU C 177 4.03 -1.85 -19.53
CA LEU C 177 4.24 -0.42 -19.30
C LEU C 177 3.59 0.17 -18.09
N PRO C 178 2.31 -0.11 -17.90
CA PRO C 178 1.72 0.47 -16.73
C PRO C 178 2.44 0.11 -15.46
N PHE C 179 2.94 -1.11 -15.37
CA PHE C 179 3.63 -1.52 -14.13
C PHE C 179 4.94 -0.74 -14.01
N TRP C 180 5.57 -0.49 -15.14
CA TRP C 180 6.78 0.30 -15.15
C TRP C 180 6.48 1.69 -14.59
N PHE C 181 5.46 2.34 -15.13
CA PHE C 181 5.15 3.69 -14.71
C PHE C 181 4.57 3.80 -13.31
N ASP C 182 3.85 2.79 -12.88
CA ASP C 182 3.19 2.85 -11.59
C ASP C 182 3.98 2.33 -10.43
N HIS C 183 4.90 1.39 -10.68
CA HIS C 183 5.69 0.84 -9.58
C HIS C 183 7.21 0.88 -9.74
N ILE C 184 7.71 0.34 -10.84
CA ILE C 184 9.15 0.24 -11.02
C ILE C 184 9.84 1.60 -11.10
N ALA C 185 9.39 2.42 -12.03
CA ALA C 185 9.97 3.74 -12.21
C ALA C 185 9.88 4.60 -10.94
N PRO C 186 8.70 4.68 -10.32
CA PRO C 186 8.65 5.49 -9.11
C PRO C 186 9.68 5.04 -8.08
N SER C 187 9.92 3.72 -7.97
CA SER C 187 10.90 3.24 -7.00
C SER C 187 12.29 3.77 -7.34
N ILE C 188 12.61 3.76 -8.63
CA ILE C 188 13.90 4.27 -9.07
C ILE C 188 13.99 5.74 -8.69
N MET C 189 12.90 6.49 -8.93
CA MET C 189 12.85 7.91 -8.64
C MET C 189 12.97 8.18 -7.14
N GLU C 190 12.41 7.29 -6.32
CA GLU C 190 12.48 7.45 -4.87
C GLU C 190 13.89 7.21 -4.37
N GLY C 191 14.80 6.80 -5.25
CA GLY C 191 16.18 6.56 -4.87
C GLY C 191 16.52 5.11 -4.57
N LYS C 192 15.59 4.22 -4.81
CA LYS C 192 15.83 2.82 -4.55
C LYS C 192 16.55 2.09 -5.67
N ARG C 193 17.43 1.20 -5.25
CA ARG C 193 18.20 0.35 -6.14
C ARG C 193 17.31 -0.82 -6.44
N VAL C 194 16.82 -0.88 -7.69
CA VAL C 194 15.85 -1.90 -8.09
C VAL C 194 16.37 -3.10 -8.85
N LEU C 195 15.77 -4.25 -8.55
CA LEU C 195 16.04 -5.49 -9.27
C LEU C 195 14.74 -5.95 -9.93
N VAL C 196 14.78 -6.34 -11.20
CA VAL C 196 13.60 -6.87 -11.88
C VAL C 196 13.92 -8.25 -12.41
N ALA C 197 13.20 -9.25 -11.91
CA ALA C 197 13.38 -10.63 -12.35
C ALA C 197 12.12 -11.00 -13.11
N ALA C 198 12.26 -11.21 -14.42
CA ALA C 198 11.11 -11.53 -15.24
C ALA C 198 11.45 -12.47 -16.37
N HIS C 199 10.77 -12.32 -17.51
CA HIS C 199 10.92 -13.19 -18.65
C HIS C 199 11.37 -12.48 -19.92
N GLY C 200 11.67 -13.27 -20.94
CA GLY C 200 12.15 -12.75 -22.21
C GLY C 200 11.29 -11.65 -22.80
N ASN C 201 10.04 -11.93 -23.02
CA ASN C 201 9.17 -10.92 -23.65
C ASN C 201 8.76 -9.76 -22.78
N SER C 202 8.58 -10.01 -21.49
CA SER C 202 8.24 -8.92 -20.60
C SER C 202 9.44 -7.98 -20.50
N LEU C 203 10.66 -8.51 -20.45
CA LEU C 203 11.84 -7.64 -20.36
C LEU C 203 12.06 -6.89 -21.67
N ARG C 204 11.74 -7.53 -22.80
CA ARG C 204 11.85 -6.86 -24.07
C ARG C 204 10.93 -5.67 -24.09
N GLY C 205 9.83 -5.81 -23.38
CA GLY C 205 8.88 -4.71 -23.27
C GLY C 205 9.51 -3.52 -22.58
N LEU C 206 10.17 -3.75 -21.45
CA LEU C 206 10.82 -2.66 -20.72
C LEU C 206 11.93 -2.03 -21.52
N VAL C 207 12.73 -2.87 -22.14
CA VAL C 207 13.85 -2.38 -22.89
C VAL C 207 13.37 -1.55 -24.08
N LYS C 208 12.30 -2.01 -24.72
CA LYS C 208 11.75 -1.32 -25.87
C LYS C 208 11.43 0.10 -25.47
N HIS C 209 10.89 0.25 -24.27
CA HIS C 209 10.54 1.55 -23.75
C HIS C 209 11.76 2.37 -23.33
N LEU C 210 12.64 1.74 -22.54
CA LEU C 210 13.83 2.40 -22.05
C LEU C 210 14.67 2.96 -23.17
N ASP C 211 14.96 2.14 -24.16
CA ASP C 211 15.77 2.55 -25.30
C ASP C 211 14.95 3.10 -26.46
N LYS C 212 13.67 3.35 -26.28
CA LYS C 212 12.79 3.86 -27.36
C LYS C 212 12.99 3.11 -28.67
N MET C 213 12.97 1.79 -28.61
CA MET C 213 13.16 0.99 -29.79
C MET C 213 11.89 0.97 -30.64
N SER C 214 12.06 0.86 -31.95
CA SER C 214 10.93 0.80 -32.85
C SER C 214 10.33 -0.60 -32.81
N ASP C 215 9.11 -0.72 -33.35
CA ASP C 215 8.42 -2.01 -33.42
C ASP C 215 9.29 -3.02 -34.18
N GLU C 216 9.96 -2.57 -35.24
CA GLU C 216 10.82 -3.45 -36.03
C GLU C 216 12.13 -3.83 -35.33
N ALA C 217 12.73 -2.89 -34.62
CA ALA C 217 14.00 -3.15 -33.94
C ALA C 217 13.91 -4.14 -32.76
N VAL C 218 12.83 -4.12 -31.97
CA VAL C 218 12.70 -5.04 -30.83
C VAL C 218 12.65 -6.51 -31.26
N LEU C 219 12.32 -6.77 -32.52
CA LEU C 219 12.28 -8.15 -33.01
C LEU C 219 13.67 -8.77 -33.05
N GLU C 220 14.69 -7.93 -33.20
CA GLU C 220 16.06 -8.42 -33.24
C GLU C 220 16.67 -8.47 -31.85
N LEU C 221 16.02 -7.84 -30.88
CA LEU C 221 16.53 -7.84 -29.50
C LEU C 221 16.42 -9.22 -28.88
N ASN C 222 17.55 -9.75 -28.43
CA ASN C 222 17.62 -11.05 -27.80
C ASN C 222 18.24 -10.84 -26.42
N ILE C 223 17.49 -11.17 -25.37
CA ILE C 223 17.99 -11.03 -24.03
C ILE C 223 18.44 -12.39 -23.55
N PRO C 224 19.75 -12.54 -23.25
CA PRO C 224 20.24 -13.82 -22.81
C PRO C 224 19.71 -14.17 -21.43
N THR C 225 19.59 -15.47 -21.21
CA THR C 225 19.06 -16.02 -20.00
C THR C 225 20.14 -16.05 -18.86
N GLY C 226 19.74 -15.72 -17.64
CA GLY C 226 20.63 -15.75 -16.46
C GLY C 226 21.80 -14.79 -16.41
N VAL C 227 21.71 -13.69 -17.15
CA VAL C 227 22.79 -12.72 -17.17
C VAL C 227 22.26 -11.36 -16.74
N PRO C 228 22.82 -10.79 -15.66
CA PRO C 228 22.30 -9.49 -15.27
C PRO C 228 22.54 -8.45 -16.34
N LEU C 229 21.54 -7.63 -16.60
CA LEU C 229 21.59 -6.55 -17.56
C LEU C 229 21.46 -5.31 -16.72
N VAL C 230 22.47 -4.46 -16.78
CA VAL C 230 22.49 -3.26 -15.95
C VAL C 230 22.24 -2.00 -16.75
N TYR C 231 21.32 -1.19 -16.26
CA TYR C 231 20.99 0.07 -16.89
C TYR C 231 21.38 1.26 -16.04
N GLU C 232 22.18 2.13 -16.61
CA GLU C 232 22.60 3.35 -15.96
C GLU C 232 21.66 4.40 -16.55
N LEU C 233 20.83 4.97 -15.71
CA LEU C 233 19.86 5.94 -16.17
C LEU C 233 20.14 7.30 -15.62
N ASP C 234 19.76 8.32 -16.39
CA ASP C 234 19.93 9.67 -15.94
C ASP C 234 18.76 10.11 -15.04
N GLU C 235 18.85 11.34 -14.57
CA GLU C 235 17.87 11.99 -13.72
C GLU C 235 16.42 11.83 -14.22
N ASP C 236 16.23 11.81 -15.54
CA ASP C 236 14.91 11.66 -16.19
C ASP C 236 14.62 10.23 -16.63
N LEU C 237 15.34 9.28 -16.07
CA LEU C 237 15.17 7.85 -16.37
C LEU C 237 15.54 7.42 -17.79
N GLN C 238 16.31 8.24 -18.49
CA GLN C 238 16.74 7.89 -19.82
C GLN C 238 18.09 7.18 -19.73
N PRO C 239 18.25 6.09 -20.48
CA PRO C 239 19.50 5.35 -20.45
C PRO C 239 20.70 6.15 -20.88
N VAL C 240 21.74 6.08 -20.06
CA VAL C 240 23.02 6.69 -20.39
C VAL C 240 23.83 5.59 -21.07
N ARG C 241 23.69 4.35 -20.58
CA ARG C 241 24.33 3.18 -21.18
C ARG C 241 23.78 1.91 -20.51
N HIS C 242 24.04 0.75 -21.12
CA HIS C 242 23.64 -0.52 -20.54
C HIS C 242 24.70 -1.57 -20.83
N TYR C 243 24.73 -2.61 -20.01
CA TYR C 243 25.74 -3.66 -20.19
C TYR C 243 25.39 -4.91 -19.37
N TYR C 244 25.93 -6.05 -19.81
CA TYR C 244 25.71 -7.32 -19.16
C TYR C 244 26.91 -7.65 -18.27
N LEU C 245 26.66 -8.31 -17.14
CA LEU C 245 27.76 -8.70 -16.26
C LEU C 245 28.35 -10.04 -16.68
N LEU C 246 29.14 -10.00 -17.73
CA LEU C 246 29.81 -11.17 -18.28
C LEU C 246 30.86 -10.76 -19.32
N ASP C 247 32.00 -11.47 -19.38
CA ASP C 247 33.08 -11.14 -20.35
C ASP C 247 32.57 -11.44 -21.77
N GLU C 248 33.20 -10.85 -22.79
CA GLU C 248 32.74 -11.04 -24.18
C GLU C 248 32.71 -12.51 -24.61
N ALA C 249 33.54 -13.37 -24.00
CA ALA C 249 33.59 -14.79 -24.34
C ALA C 249 32.31 -15.52 -23.90
N GLU C 250 32.00 -15.49 -22.60
CA GLU C 250 30.81 -16.13 -22.04
C GLU C 250 29.53 -15.53 -22.62
N LEU C 251 29.56 -14.21 -22.85
CA LEU C 251 28.40 -13.46 -23.39
C LEU C 251 28.08 -13.81 -24.84
N LYS C 252 29.13 -13.98 -25.65
CA LYS C 252 28.96 -14.35 -27.05
C LYS C 252 28.23 -15.70 -27.16
N ALA C 253 28.62 -16.67 -26.32
CA ALA C 253 27.99 -18.00 -26.29
C ALA C 253 26.54 -17.99 -25.77
N LYS C 254 26.23 -17.08 -24.84
CA LYS C 254 24.89 -16.92 -24.27
C LYS C 254 23.90 -16.25 -25.25
N MET C 255 24.40 -15.34 -26.07
CA MET C 255 23.57 -14.67 -27.09
C MET C 255 23.25 -15.62 -28.25
N GLU C 256 24.20 -16.50 -28.58
CA GLU C 256 24.03 -17.43 -29.69
C GLU C 256 22.95 -18.51 -29.39
N ALA C 257 22.73 -18.84 -28.11
CA ALA C 257 21.73 -19.87 -27.72
C ALA C 257 20.30 -19.36 -27.87
N ALA D 17 -13.94 -22.48 12.80
CA ALA D 17 -14.93 -23.04 11.85
C ALA D 17 -15.10 -22.14 10.61
N LYS D 18 -14.31 -21.07 10.46
CA LYS D 18 -14.47 -20.19 9.32
C LYS D 18 -13.14 -19.89 8.61
N TYR D 19 -12.10 -19.58 9.39
CA TYR D 19 -10.79 -19.26 8.85
C TYR D 19 -9.71 -20.23 9.30
N THR D 20 -8.70 -20.37 8.46
CA THR D 20 -7.55 -21.24 8.72
C THR D 20 -6.24 -20.42 8.62
N LEU D 21 -5.43 -20.48 9.67
CA LEU D 21 -4.17 -19.79 9.77
C LEU D 21 -3.06 -20.79 10.01
N VAL D 22 -1.94 -20.65 9.33
CA VAL D 22 -0.84 -21.58 9.52
C VAL D 22 0.37 -20.84 10.00
N LEU D 23 0.95 -21.31 11.09
CA LEU D 23 2.14 -20.70 11.63
C LEU D 23 3.28 -21.68 11.54
N ILE D 24 4.49 -21.19 11.28
CA ILE D 24 5.63 -22.08 11.29
C ILE D 24 6.88 -21.40 11.83
N ARG D 25 7.58 -22.14 12.66
CA ARG D 25 8.82 -21.70 13.25
C ARG D 25 9.95 -22.27 12.41
N HIS D 26 10.93 -21.43 12.05
CA HIS D 26 12.04 -21.89 11.24
C HIS D 26 12.82 -22.98 11.95
N GLY D 27 13.50 -23.80 11.17
CA GLY D 27 14.31 -24.89 11.71
C GLY D 27 15.65 -24.39 12.22
N GLU D 28 16.45 -25.33 12.71
CA GLU D 28 17.77 -25.06 13.25
C GLU D 28 18.68 -24.15 12.40
N SER D 29 19.33 -23.19 13.09
CA SER D 29 20.24 -22.26 12.45
C SER D 29 21.66 -22.70 12.79
N THR D 30 22.65 -22.09 12.14
CA THR D 30 24.06 -22.44 12.39
C THR D 30 24.44 -22.22 13.85
N TRP D 31 23.95 -21.11 14.42
CA TRP D 31 24.22 -20.75 15.82
C TRP D 31 23.49 -21.63 16.84
N ASN D 32 22.38 -22.26 16.46
CA ASN D 32 21.72 -23.22 17.35
C ASN D 32 22.66 -24.39 17.57
N LYS D 33 23.36 -24.80 16.51
CA LYS D 33 24.34 -25.88 16.59
C LYS D 33 25.60 -25.42 17.33
N GLU D 34 26.01 -24.17 17.09
CA GLU D 34 27.21 -23.61 17.76
C GLU D 34 26.90 -23.23 19.21
N ASN D 35 25.66 -23.48 19.65
CA ASN D 35 25.24 -23.19 21.01
C ASN D 35 25.54 -21.72 21.36
N ARG D 36 24.97 -20.81 20.60
CA ARG D 36 25.23 -19.37 20.85
C ARG D 36 23.93 -18.52 20.62
N PHE D 37 23.71 -17.56 21.51
CA PHE D 37 22.52 -16.69 21.47
C PHE D 37 22.46 -15.94 20.16
N THR D 38 21.33 -16.02 19.48
CA THR D 38 21.19 -15.36 18.20
C THR D 38 20.43 -14.05 18.25
N GLY D 39 19.16 -14.09 18.64
CA GLY D 39 18.36 -12.88 18.65
C GLY D 39 18.24 -12.31 17.24
N TRP D 40 18.56 -11.04 17.07
CA TRP D 40 18.47 -10.42 15.74
C TRP D 40 19.69 -10.68 14.84
N THR D 41 20.64 -11.48 15.31
CA THR D 41 21.78 -11.76 14.49
C THR D 41 21.21 -12.49 13.27
N ASP D 42 21.52 -12.00 12.08
CA ASP D 42 20.94 -12.56 10.86
C ASP D 42 21.71 -13.76 10.35
N VAL D 43 21.75 -14.83 11.14
CA VAL D 43 22.47 -16.05 10.75
C VAL D 43 21.60 -16.95 9.88
N PRO D 44 22.23 -17.74 9.02
CA PRO D 44 21.47 -18.63 8.13
C PRO D 44 21.04 -19.93 8.78
N LEU D 45 20.16 -20.64 8.08
CA LEU D 45 19.70 -21.96 8.51
C LEU D 45 20.82 -22.97 8.30
N SER D 46 20.84 -24.04 9.10
CA SER D 46 21.83 -25.09 8.91
C SER D 46 21.24 -25.96 7.82
N PRO D 47 21.99 -26.95 7.32
CA PRO D 47 21.38 -27.82 6.31
C PRO D 47 20.13 -28.53 6.88
N VAL D 48 20.18 -28.89 8.16
CA VAL D 48 19.05 -29.55 8.82
C VAL D 48 17.84 -28.61 8.89
N GLY D 49 18.10 -27.33 9.12
CA GLY D 49 17.04 -26.32 9.16
C GLY D 49 16.36 -26.18 7.81
N GLU D 50 17.16 -26.22 6.75
CA GLU D 50 16.63 -26.09 5.37
C GLU D 50 15.70 -27.24 5.07
N GLN D 51 16.05 -28.42 5.55
CA GLN D 51 15.25 -29.60 5.30
C GLN D 51 13.94 -29.67 6.11
N GLU D 52 13.94 -29.13 7.33
CA GLU D 52 12.72 -29.16 8.13
C GLU D 52 11.64 -28.40 7.38
N ALA D 53 12.02 -27.32 6.72
CA ALA D 53 11.06 -26.54 5.94
C ALA D 53 10.54 -27.33 4.73
N VAL D 54 11.41 -28.13 4.10
CA VAL D 54 11.04 -28.94 2.94
C VAL D 54 10.01 -29.97 3.39
N GLU D 55 10.21 -30.54 4.59
CA GLU D 55 9.31 -31.54 5.15
C GLU D 55 7.96 -30.95 5.53
N ALA D 56 7.98 -29.76 6.11
CA ALA D 56 6.74 -29.08 6.50
C ALA D 56 5.95 -28.72 5.24
N ALA D 57 6.66 -28.35 4.17
CA ALA D 57 5.99 -28.04 2.89
C ALA D 57 5.26 -29.27 2.33
N LYS D 58 5.92 -30.42 2.35
CA LYS D 58 5.29 -31.63 1.83
C LYS D 58 4.01 -31.96 2.60
N ALA D 59 4.06 -31.85 3.93
CA ALA D 59 2.88 -32.16 4.74
C ALA D 59 1.73 -31.23 4.39
N LEU D 60 2.03 -29.94 4.21
CA LEU D 60 1.00 -28.97 3.82
C LEU D 60 0.48 -29.29 2.42
N LYS D 61 1.39 -29.67 1.52
CA LYS D 61 1.02 -30.03 0.16
C LYS D 61 0.07 -31.23 0.20
N GLU D 62 0.45 -32.30 0.89
CA GLU D 62 -0.38 -33.51 1.00
C GLU D 62 -1.79 -33.23 1.51
N LYS D 63 -1.92 -32.41 2.56
CA LYS D 63 -3.24 -32.04 3.08
C LYS D 63 -3.99 -31.01 2.22
N GLY D 64 -3.39 -30.60 1.12
CA GLY D 64 -4.01 -29.64 0.20
C GLY D 64 -4.09 -28.20 0.65
N PHE D 65 -3.32 -27.83 1.69
CA PHE D 65 -3.32 -26.45 2.15
C PHE D 65 -2.84 -25.54 1.05
N GLU D 66 -3.50 -24.40 0.94
CA GLU D 66 -3.14 -23.37 -0.02
C GLU D 66 -3.13 -22.02 0.70
N PHE D 67 -2.34 -21.09 0.19
CA PHE D 67 -2.23 -19.77 0.81
C PHE D 67 -2.45 -18.64 -0.15
N ASP D 68 -2.89 -17.50 0.38
CA ASP D 68 -3.11 -16.28 -0.40
C ASP D 68 -2.11 -15.17 -0.11
N VAL D 69 -1.45 -15.22 1.04
CA VAL D 69 -0.46 -14.20 1.41
C VAL D 69 0.40 -14.82 2.51
N ALA D 70 1.64 -14.38 2.61
CA ALA D 70 2.54 -14.90 3.64
C ALA D 70 3.23 -13.77 4.37
N TYR D 71 3.37 -13.92 5.69
CA TYR D 71 4.04 -12.92 6.50
C TYR D 71 5.28 -13.54 7.12
N THR D 72 6.35 -12.77 7.21
CA THR D 72 7.63 -13.25 7.71
C THR D 72 8.32 -12.15 8.43
N SER D 73 9.38 -12.51 9.18
CA SER D 73 10.20 -11.52 9.80
C SER D 73 11.15 -11.12 8.67
N VAL D 74 12.16 -10.30 8.98
CA VAL D 74 13.16 -9.89 8.00
C VAL D 74 14.47 -10.63 8.17
N LEU D 75 14.46 -11.68 9.00
CA LEU D 75 15.66 -12.46 9.25
C LEU D 75 15.72 -13.63 8.26
N GLN D 76 16.86 -13.75 7.60
CA GLN D 76 17.09 -14.77 6.57
C GLN D 76 16.48 -16.13 6.90
N ARG D 77 16.78 -16.63 8.09
CA ARG D 77 16.30 -17.94 8.56
C ARG D 77 14.79 -18.13 8.43
N ALA D 78 14.01 -17.08 8.65
CA ALA D 78 12.56 -17.16 8.54
C ALA D 78 12.15 -16.95 7.10
N VAL D 79 12.81 -16.00 6.45
CA VAL D 79 12.51 -15.68 5.06
C VAL D 79 12.71 -16.90 4.17
N VAL D 80 13.84 -17.57 4.34
CA VAL D 80 14.09 -18.77 3.55
C VAL D 80 13.13 -19.90 3.91
N THR D 81 12.75 -20.00 5.17
CA THR D 81 11.79 -21.03 5.58
C THR D 81 10.50 -20.81 4.80
N CYS D 82 10.05 -19.57 4.76
CA CYS D 82 8.83 -19.19 4.04
C CYS D 82 8.95 -19.52 2.55
N TRP D 83 10.05 -19.09 1.91
CA TRP D 83 10.20 -19.37 0.49
C TRP D 83 10.15 -20.86 0.21
N THR D 84 10.79 -21.63 1.07
CA THR D 84 10.82 -23.08 0.91
C THR D 84 9.41 -23.64 0.99
N VAL D 85 8.62 -23.18 1.95
CA VAL D 85 7.25 -23.66 2.08
C VAL D 85 6.38 -23.29 0.88
N LEU D 86 6.58 -22.09 0.34
CA LEU D 86 5.78 -21.67 -0.80
C LEU D 86 6.16 -22.49 -2.01
N LYS D 87 7.44 -22.77 -2.11
CA LYS D 87 7.97 -23.53 -3.23
C LYS D 87 7.39 -24.93 -3.22
N GLY D 88 7.42 -25.56 -2.05
CA GLY D 88 6.91 -26.91 -1.90
C GLY D 88 5.39 -27.06 -1.94
N THR D 89 4.68 -25.95 -1.88
CA THR D 89 3.23 -25.95 -1.91
C THR D 89 2.67 -25.36 -3.22
N ASP D 90 3.57 -24.93 -4.11
CA ASP D 90 3.21 -24.33 -5.39
C ASP D 90 2.44 -23.02 -5.19
N MET D 91 2.91 -22.25 -4.21
CA MET D 91 2.32 -20.97 -3.84
C MET D 91 3.32 -19.81 -3.98
N CYS D 92 4.23 -19.93 -4.95
CA CYS D 92 5.23 -18.86 -5.18
C CYS D 92 4.65 -17.59 -5.73
N HIS D 93 3.40 -17.62 -6.19
CA HIS D 93 2.76 -16.44 -6.77
C HIS D 93 2.20 -15.47 -5.75
N ILE D 94 2.17 -15.85 -4.48
CA ILE D 94 1.57 -14.98 -3.50
C ILE D 94 2.48 -13.92 -2.96
N PRO D 95 1.88 -12.80 -2.52
CA PRO D 95 2.65 -11.73 -1.92
C PRO D 95 3.24 -12.19 -0.58
N VAL D 96 4.43 -11.69 -0.28
CA VAL D 96 5.10 -12.00 0.97
C VAL D 96 5.44 -10.70 1.62
N LYS D 97 4.98 -10.52 2.85
CA LYS D 97 5.28 -9.29 3.57
C LYS D 97 6.16 -9.56 4.77
N SER D 98 7.29 -8.89 4.83
CA SER D 98 8.21 -9.02 5.92
C SER D 98 8.10 -7.84 6.86
N SER D 99 8.44 -8.06 8.11
CA SER D 99 8.46 -6.99 9.06
C SER D 99 9.36 -7.34 10.21
N TRP D 100 10.12 -6.35 10.65
CA TRP D 100 10.97 -6.49 11.78
C TRP D 100 10.12 -6.84 13.01
N ARG D 101 8.81 -6.54 12.98
CA ARG D 101 7.96 -6.85 14.11
C ARG D 101 7.81 -8.32 14.37
N LEU D 102 8.11 -9.16 13.37
CA LEU D 102 8.06 -10.60 13.52
C LEU D 102 9.44 -11.20 13.84
N ASN D 103 10.46 -10.36 14.00
CA ASN D 103 11.79 -10.81 14.38
C ASN D 103 11.84 -11.56 15.71
N GLU D 104 12.86 -12.37 15.86
CA GLU D 104 13.11 -13.11 17.08
C GLU D 104 13.32 -12.07 18.16
N ARG D 105 13.20 -12.50 19.39
CA ARG D 105 13.46 -11.64 20.52
C ARG D 105 14.91 -11.19 20.47
N HIS D 106 15.19 -9.93 20.73
CA HIS D 106 16.56 -9.43 20.72
C HIS D 106 17.23 -9.78 22.07
N TYR D 107 18.39 -10.47 22.04
CA TYR D 107 19.12 -10.90 23.26
C TYR D 107 20.17 -9.92 23.82
N GLY D 108 20.09 -8.67 23.40
CA GLY D 108 21.00 -7.64 23.89
C GLY D 108 22.46 -8.02 23.86
N ALA D 109 23.17 -7.69 24.94
CA ALA D 109 24.61 -7.96 25.08
C ALA D 109 25.01 -9.44 25.02
N LEU D 110 24.04 -10.35 25.08
CA LEU D 110 24.33 -11.77 25.00
C LEU D 110 24.46 -12.27 23.56
N GLN D 111 23.96 -11.51 22.60
CA GLN D 111 24.00 -11.96 21.22
C GLN D 111 25.41 -12.24 20.71
N GLY D 112 25.61 -13.42 20.18
CA GLY D 112 26.90 -13.82 19.64
C GLY D 112 27.76 -14.60 20.63
N LEU D 113 27.37 -14.59 21.90
CA LEU D 113 28.14 -15.31 22.89
C LEU D 113 27.66 -16.73 23.07
N ASN D 114 28.62 -17.61 23.34
CA ASN D 114 28.36 -19.01 23.63
C ASN D 114 27.62 -19.07 24.98
N LYS D 115 26.70 -20.03 25.10
CA LYS D 115 25.87 -20.14 26.32
C LYS D 115 26.65 -20.64 27.53
N ALA D 116 27.59 -21.55 27.32
CA ALA D 116 28.41 -22.07 28.40
C ALA D 116 29.32 -20.97 28.97
N GLU D 117 30.04 -20.28 28.07
CA GLU D 117 30.95 -19.20 28.49
C GLU D 117 30.18 -18.08 29.19
N THR D 118 28.91 -17.88 28.86
CA THR D 118 28.12 -16.85 29.51
C THR D 118 27.57 -17.38 30.83
N ALA D 119 27.21 -18.66 30.85
CA ALA D 119 26.73 -19.32 32.04
C ALA D 119 27.84 -19.34 33.09
N ALA D 120 29.07 -19.62 32.67
CA ALA D 120 30.21 -19.67 33.60
C ALA D 120 30.60 -18.26 34.08
N LYS D 121 30.41 -17.27 33.22
CA LYS D 121 30.71 -15.86 33.50
C LYS D 121 29.69 -15.23 34.46
N HIS D 122 28.42 -15.30 34.07
CA HIS D 122 27.30 -14.70 34.84
C HIS D 122 26.56 -15.62 35.83
N GLY D 123 26.64 -16.93 35.64
CA GLY D 123 25.96 -17.89 36.52
C GLY D 123 24.80 -18.59 35.83
N ASP D 124 24.54 -19.82 36.23
CA ASP D 124 23.46 -20.63 35.66
C ASP D 124 22.09 -20.06 35.98
N GLU D 125 21.92 -19.48 37.16
CA GLU D 125 20.59 -18.95 37.53
C GLU D 125 20.21 -17.73 36.74
N GLN D 126 21.13 -16.77 36.68
CA GLN D 126 20.90 -15.51 35.98
C GLN D 126 20.55 -15.67 34.48
N VAL D 127 21.17 -16.64 33.80
CA VAL D 127 20.90 -16.85 32.36
C VAL D 127 19.57 -17.55 32.18
N LYS D 128 19.23 -18.46 33.10
CA LYS D 128 17.94 -19.15 33.06
C LYS D 128 16.85 -18.10 33.18
N ILE D 129 17.10 -17.07 34.01
CA ILE D 129 16.15 -15.99 34.17
C ILE D 129 16.06 -15.22 32.87
N TRP D 130 17.20 -14.78 32.33
CA TRP D 130 17.17 -14.02 31.08
C TRP D 130 16.56 -14.81 29.93
N ARG D 131 16.69 -16.12 29.95
CA ARG D 131 16.17 -16.95 28.86
C ARG D 131 14.68 -17.29 28.96
N ARG D 132 14.24 -17.66 30.15
CA ARG D 132 12.88 -18.16 30.35
C ARG D 132 11.94 -17.20 31.12
N SER D 133 12.45 -16.01 31.48
CA SER D 133 11.67 -14.99 32.18
C SER D 133 10.73 -14.29 31.20
N TYR D 134 9.68 -13.66 31.74
CA TYR D 134 8.74 -12.94 30.89
C TYR D 134 9.10 -11.46 30.78
N ASP D 135 9.43 -10.83 31.92
CA ASP D 135 9.70 -9.38 31.97
C ASP D 135 11.09 -8.89 32.37
N ILE D 136 12.08 -9.77 32.46
CA ILE D 136 13.44 -9.37 32.83
C ILE D 136 14.35 -9.60 31.64
N PRO D 137 14.77 -8.51 30.98
CA PRO D 137 15.60 -8.64 29.79
C PRO D 137 17.08 -8.76 30.12
N PRO D 138 17.87 -9.26 29.15
CA PRO D 138 19.31 -9.40 29.32
C PRO D 138 19.97 -8.05 29.24
N PRO D 139 21.26 -7.97 29.61
CA PRO D 139 21.97 -6.69 29.60
C PRO D 139 21.88 -6.02 28.24
N PRO D 140 21.63 -4.71 28.24
CA PRO D 140 21.46 -3.98 27.00
C PRO D 140 22.75 -3.60 26.31
N LEU D 141 22.69 -3.48 25.00
CA LEU D 141 23.82 -3.05 24.21
C LEU D 141 23.88 -1.54 24.33
N GLU D 142 24.98 -0.98 23.86
CA GLU D 142 25.15 0.47 23.80
C GLU D 142 24.95 0.87 22.32
N LYS D 143 24.57 2.12 22.04
CA LYS D 143 24.36 2.55 20.63
C LYS D 143 25.63 2.44 19.78
N SER D 144 26.79 2.38 20.42
CA SER D 144 28.07 2.26 19.71
C SER D 144 28.34 0.84 19.23
N ASP D 145 27.63 -0.12 19.81
CA ASP D 145 27.84 -1.53 19.51
C ASP D 145 27.27 -1.88 18.13
N LYS D 146 28.00 -2.71 17.36
CA LYS D 146 27.58 -3.08 15.99
C LYS D 146 26.37 -4.04 15.95
N ARG D 147 26.09 -4.68 17.07
CA ARG D 147 24.96 -5.61 17.16
C ARG D 147 23.62 -4.85 17.27
N TRP D 148 23.68 -3.54 17.56
CA TRP D 148 22.47 -2.73 17.68
C TRP D 148 21.91 -2.52 16.30
N PRO D 149 20.68 -3.00 16.06
CA PRO D 149 20.06 -2.87 14.75
C PRO D 149 20.12 -1.45 14.21
N GLY D 150 20.15 -0.46 15.10
CA GLY D 150 20.22 0.94 14.67
C GLY D 150 21.45 1.24 13.81
N ASN D 151 22.46 0.40 13.88
CA ASN D 151 23.69 0.58 13.08
C ASN D 151 23.67 -0.30 11.83
N ASP D 152 22.58 -1.03 11.61
CA ASP D 152 22.50 -1.96 10.51
C ASP D 152 21.65 -1.42 9.37
N ALA D 153 22.21 -1.43 8.15
CA ALA D 153 21.51 -0.95 6.95
C ALA D 153 20.18 -1.66 6.68
N VAL D 154 20.06 -2.91 7.13
CA VAL D 154 18.83 -3.65 7.00
C VAL D 154 17.66 -2.85 7.59
N TYR D 155 17.92 -2.06 8.64
CA TYR D 155 16.86 -1.29 9.31
C TYR D 155 16.91 0.21 9.02
N LYS D 156 17.56 0.56 7.93
CA LYS D 156 17.68 1.93 7.47
C LYS D 156 16.35 2.69 7.45
N MET D 157 15.28 2.02 7.01
CA MET D 157 13.96 2.66 6.92
C MET D 157 13.10 2.58 8.19
N VAL D 158 13.69 2.11 9.28
CA VAL D 158 12.98 2.00 10.53
C VAL D 158 13.60 2.95 11.56
N PRO D 159 12.76 3.81 12.20
CA PRO D 159 13.26 4.72 13.22
C PRO D 159 14.03 3.98 14.28
N ASN D 160 15.17 4.52 14.64
CA ASN D 160 16.05 3.91 15.63
C ASN D 160 15.43 3.71 16.99
N GLU D 161 14.52 4.58 17.38
CA GLU D 161 13.84 4.47 18.67
C GLU D 161 13.07 3.15 18.80
N ALA D 162 12.64 2.59 17.67
CA ALA D 162 11.89 1.33 17.66
C ALA D 162 12.77 0.10 17.69
N LEU D 163 14.07 0.28 17.47
CA LEU D 163 15.00 -0.80 17.41
C LEU D 163 15.61 -1.05 18.79
N PRO D 164 15.40 -2.26 19.32
CA PRO D 164 15.81 -2.56 20.68
C PRO D 164 17.28 -2.68 20.97
N LEU D 165 17.62 -2.35 22.21
CA LEU D 165 18.96 -2.50 22.71
C LEU D 165 19.02 -3.85 23.39
N THR D 166 17.84 -4.36 23.75
CA THR D 166 17.66 -5.65 24.40
C THR D 166 16.14 -5.87 24.51
N GLU D 167 15.71 -7.10 24.81
CA GLU D 167 14.28 -7.40 24.96
C GLU D 167 13.99 -8.60 25.85
N CYS D 168 12.85 -8.55 26.52
CA CYS D 168 12.34 -9.64 27.32
C CYS D 168 11.14 -10.09 26.48
N LEU D 169 10.58 -11.24 26.79
CA LEU D 169 9.46 -11.74 25.99
C LEU D 169 8.34 -10.71 25.93
N LYS D 170 8.10 -10.06 27.06
CA LYS D 170 7.11 -9.03 27.18
C LYS D 170 7.25 -7.98 26.06
N ASP D 171 8.46 -7.45 25.87
CA ASP D 171 8.72 -6.44 24.86
C ASP D 171 8.41 -6.98 23.48
N THR D 172 8.80 -8.23 23.27
CA THR D 172 8.60 -8.91 22.02
C THR D 172 7.10 -8.99 21.73
N VAL D 173 6.33 -9.40 22.72
CA VAL D 173 4.90 -9.51 22.56
C VAL D 173 4.29 -8.16 22.17
N GLU D 174 4.68 -7.10 22.87
CA GLU D 174 4.14 -5.77 22.60
C GLU D 174 4.52 -5.24 21.22
N ARG D 175 5.61 -5.74 20.69
CA ARG D 175 6.15 -5.29 19.42
C ARG D 175 5.48 -6.09 18.26
N VAL D 176 5.02 -7.30 18.59
CA VAL D 176 4.37 -8.18 17.64
C VAL D 176 2.89 -7.88 17.43
N LEU D 177 2.18 -7.66 18.53
CA LEU D 177 0.73 -7.42 18.45
C LEU D 177 0.29 -6.41 17.44
N PRO D 178 0.95 -5.25 17.42
CA PRO D 178 0.49 -4.32 16.43
C PRO D 178 0.49 -4.88 15.03
N PHE D 179 1.46 -5.73 14.70
CA PHE D 179 1.53 -6.27 13.34
C PHE D 179 0.38 -7.27 13.15
N TRP D 180 0.03 -7.98 14.21
CA TRP D 180 -1.12 -8.87 14.15
C TRP D 180 -2.38 -8.09 13.85
N PHE D 181 -2.61 -7.02 14.62
CA PHE D 181 -3.84 -6.23 14.44
C PHE D 181 -3.88 -5.39 13.17
N ASP D 182 -2.73 -4.91 12.70
CA ASP D 182 -2.71 -4.04 11.53
C ASP D 182 -2.56 -4.76 10.22
N HIS D 183 -1.97 -5.95 10.21
CA HIS D 183 -1.80 -6.70 8.95
C HIS D 183 -2.29 -8.10 8.89
N ILE D 184 -1.81 -8.94 9.81
CA ILE D 184 -2.16 -10.35 9.76
C ILE D 184 -3.66 -10.57 9.93
N ALA D 185 -4.23 -10.07 11.05
CA ALA D 185 -5.65 -10.27 11.32
C ALA D 185 -6.53 -9.73 10.22
N PRO D 186 -6.28 -8.49 9.80
CA PRO D 186 -7.12 -8.01 8.70
C PRO D 186 -7.10 -8.92 7.47
N SER D 187 -5.95 -9.52 7.14
CA SER D 187 -5.88 -10.42 5.97
C SER D 187 -6.79 -11.60 6.19
N ILE D 188 -6.79 -12.12 7.42
CA ILE D 188 -7.65 -13.25 7.75
C ILE D 188 -9.10 -12.82 7.56
N MET D 189 -9.43 -11.61 8.03
CA MET D 189 -10.78 -11.07 7.95
C MET D 189 -11.19 -10.84 6.52
N GLU D 190 -10.26 -10.46 5.68
CA GLU D 190 -10.56 -10.25 4.25
C GLU D 190 -10.82 -11.58 3.53
N GLY D 191 -10.63 -12.69 4.21
CA GLY D 191 -10.87 -14.00 3.63
C GLY D 191 -9.63 -14.72 3.12
N LYS D 192 -8.47 -14.14 3.37
CA LYS D 192 -7.24 -14.74 2.89
C LYS D 192 -6.70 -15.84 3.77
N ARG D 193 -6.18 -16.87 3.12
CA ARG D 193 -5.55 -17.99 3.76
C ARG D 193 -4.12 -17.56 4.01
N VAL D 194 -3.81 -17.32 5.28
CA VAL D 194 -2.52 -16.80 5.69
C VAL D 194 -1.48 -17.78 6.21
N LEU D 195 -0.22 -17.53 5.86
CA LEU D 195 0.93 -18.30 6.34
C LEU D 195 1.84 -17.35 7.09
N VAL D 196 2.29 -17.73 8.28
CA VAL D 196 3.22 -16.89 9.03
C VAL D 196 4.47 -17.71 9.33
N ALA D 197 5.60 -17.26 8.82
CA ALA D 197 6.89 -17.90 9.05
C ALA D 197 7.70 -16.96 9.93
N ALA D 198 7.95 -17.37 11.17
CA ALA D 198 8.68 -16.51 12.08
C ALA D 198 9.54 -17.33 13.04
N HIS D 199 9.69 -16.83 14.27
CA HIS D 199 10.57 -17.42 15.28
C HIS D 199 9.84 -17.84 16.55
N GLY D 200 10.56 -18.53 17.41
CA GLY D 200 10.02 -19.04 18.64
C GLY D 200 9.32 -17.99 19.48
N ASN D 201 10.01 -16.93 19.86
CA ASN D 201 9.39 -15.91 20.71
C ASN D 201 8.35 -15.03 20.04
N SER D 202 8.54 -14.74 18.76
CA SER D 202 7.59 -13.96 18.01
C SER D 202 6.26 -14.74 17.92
N LEU D 203 6.37 -16.04 17.62
CA LEU D 203 5.16 -16.87 17.49
C LEU D 203 4.51 -17.09 18.85
N ARG D 204 5.31 -17.18 19.91
CA ARG D 204 4.72 -17.30 21.25
C ARG D 204 3.89 -16.06 21.53
N GLY D 205 4.32 -14.92 20.97
CA GLY D 205 3.58 -13.68 21.13
C GLY D 205 2.20 -13.81 20.53
N LEU D 206 2.11 -14.34 19.30
CA LEU D 206 0.81 -14.52 18.64
C LEU D 206 -0.08 -15.52 19.32
N VAL D 207 0.52 -16.63 19.72
CA VAL D 207 -0.25 -17.67 20.38
C VAL D 207 -0.75 -17.19 21.73
N LYS D 208 0.06 -16.42 22.43
CA LYS D 208 -0.33 -15.91 23.73
C LYS D 208 -1.59 -15.16 23.58
N HIS D 209 -1.67 -14.38 22.50
CA HIS D 209 -2.83 -13.59 22.22
C HIS D 209 -4.01 -14.43 21.76
N LEU D 210 -3.77 -15.29 20.78
CA LEU D 210 -4.82 -16.13 20.22
C LEU D 210 -5.53 -16.95 21.27
N ASP D 211 -4.76 -17.65 22.09
CA ASP D 211 -5.32 -18.50 23.13
C ASP D 211 -5.48 -17.77 24.48
N LYS D 212 -5.33 -16.44 24.49
CA LYS D 212 -5.47 -15.66 25.75
C LYS D 212 -4.68 -16.27 26.92
N MET D 213 -3.42 -16.61 26.69
CA MET D 213 -2.62 -17.23 27.73
C MET D 213 -2.12 -16.18 28.71
N SER D 214 -1.93 -16.59 29.96
CA SER D 214 -1.45 -15.70 31.00
C SER D 214 0.05 -15.53 30.87
N ASP D 215 0.59 -14.50 31.52
CA ASP D 215 2.03 -14.23 31.52
C ASP D 215 2.79 -15.46 32.00
N GLU D 216 2.25 -16.14 33.01
CA GLU D 216 2.88 -17.33 33.56
C GLU D 216 2.79 -18.55 32.66
N ALA D 217 1.66 -18.72 31.99
CA ALA D 217 1.45 -19.89 31.12
C ALA D 217 2.32 -19.91 29.86
N VAL D 218 2.56 -18.76 29.23
CA VAL D 218 3.41 -18.77 28.00
C VAL D 218 4.83 -19.21 28.25
N LEU D 219 5.28 -19.17 29.50
CA LEU D 219 6.64 -19.57 29.82
C LEU D 219 6.81 -21.07 29.58
N GLU D 220 5.72 -21.82 29.69
CA GLU D 220 5.76 -23.26 29.45
C GLU D 220 5.46 -23.62 28.00
N LEU D 221 4.99 -22.65 27.22
CA LEU D 221 4.68 -22.91 25.82
C LEU D 221 5.97 -23.11 25.03
N ASN D 222 6.05 -24.25 24.38
CA ASN D 222 7.18 -24.60 23.55
C ASN D 222 6.67 -24.87 22.14
N ILE D 223 7.11 -24.08 21.18
CA ILE D 223 6.68 -24.30 19.82
C ILE D 223 7.77 -25.05 19.09
N PRO D 224 7.44 -26.26 18.61
CA PRO D 224 8.46 -27.05 17.93
C PRO D 224 8.87 -26.43 16.62
N THR D 225 10.12 -26.68 16.26
CA THR D 225 10.74 -26.15 15.08
C THR D 225 10.36 -26.97 13.82
N GLY D 226 10.10 -26.28 12.71
CA GLY D 226 9.76 -26.93 11.43
C GLY D 226 8.47 -27.73 11.34
N VAL D 227 7.51 -27.45 12.21
CA VAL D 227 6.25 -28.16 12.21
C VAL D 227 5.10 -27.17 12.01
N PRO D 228 4.30 -27.35 10.94
CA PRO D 228 3.19 -26.40 10.78
C PRO D 228 2.22 -26.50 11.94
N LEU D 229 1.79 -25.34 12.43
CA LEU D 229 0.82 -25.23 13.50
C LEU D 229 -0.38 -24.59 12.86
N VAL D 230 -1.50 -25.31 12.86
CA VAL D 230 -2.71 -24.82 12.21
C VAL D 230 -3.74 -24.35 13.18
N TYR D 231 -4.27 -23.16 12.93
CA TYR D 231 -5.31 -22.58 13.75
C TYR D 231 -6.62 -22.44 12.98
N GLU D 232 -7.66 -23.03 13.51
CA GLU D 232 -8.99 -22.91 12.95
C GLU D 232 -9.65 -21.86 13.81
N LEU D 233 -9.99 -20.73 13.20
CA LEU D 233 -10.56 -19.61 13.94
C LEU D 233 -11.97 -19.34 13.53
N ASP D 234 -12.75 -18.83 14.47
CA ASP D 234 -14.13 -18.51 14.16
C ASP D 234 -14.23 -17.13 13.55
N GLU D 235 -15.46 -16.77 13.21
CA GLU D 235 -15.82 -15.48 12.62
C GLU D 235 -15.18 -14.26 13.33
N ASP D 236 -15.00 -14.35 14.65
CA ASP D 236 -14.40 -13.29 15.49
C ASP D 236 -12.92 -13.54 15.80
N LEU D 237 -12.30 -14.38 14.99
CA LEU D 237 -10.87 -14.71 15.14
C LEU D 237 -10.49 -15.46 16.41
N GLN D 238 -11.46 -16.08 17.07
CA GLN D 238 -11.17 -16.85 18.28
C GLN D 238 -10.92 -18.30 17.89
N PRO D 239 -9.88 -18.91 18.47
CA PRO D 239 -9.59 -20.29 18.12
C PRO D 239 -10.70 -21.27 18.42
N VAL D 240 -11.03 -22.09 17.43
CA VAL D 240 -11.98 -23.18 17.56
C VAL D 240 -11.16 -24.42 17.92
N ARG D 241 -9.96 -24.53 17.34
CA ARG D 241 -9.02 -25.61 17.66
C ARG D 241 -7.69 -25.32 17.01
N HIS D 242 -6.63 -26.00 17.46
CA HIS D 242 -5.32 -25.88 16.84
C HIS D 242 -4.65 -27.24 16.85
N TYR D 243 -3.73 -27.44 15.92
CA TYR D 243 -3.04 -28.72 15.83
C TYR D 243 -1.82 -28.63 14.93
N TYR D 244 -0.89 -29.54 15.16
CA TYR D 244 0.35 -29.58 14.39
C TYR D 244 0.18 -30.63 13.29
N LEU D 245 0.73 -30.37 12.12
CA LEU D 245 0.57 -31.26 10.98
C LEU D 245 1.70 -32.29 10.85
N LEU D 246 1.74 -33.24 11.79
CA LEU D 246 2.75 -34.27 11.79
C LEU D 246 2.40 -35.42 12.75
N ASP D 247 3.28 -36.44 12.71
CA ASP D 247 3.25 -37.63 13.59
C ASP D 247 4.70 -38.10 13.90
N GLU D 248 5.37 -37.36 14.80
CA GLU D 248 6.75 -37.63 15.24
C GLU D 248 6.79 -38.49 16.52
NA NA E . 7.38 13.88 -12.89
NA NA F . -14.29 -4.46 14.74
NA NA G . -9.74 -13.89 -12.44
NA NA H . 17.41 2.69 11.18
#